data_3O4K
#
_entry.id   3O4K
#
_cell.length_a   88.103
_cell.length_b   101.490
_cell.length_c   162.800
_cell.angle_alpha   90.00
_cell.angle_beta   90.00
_cell.angle_gamma   90.00
#
_symmetry.space_group_name_H-M   'I 2 2 2'
#
loop_
_entity.id
_entity.type
_entity.pdbx_description
1 polymer 'Peptidoglycan recognition protein 1'
2 non-polymer '(2S)-1-({3-O-[2-(acetylamino)-4-amino-2,4,6-trideoxy-beta-D-galactopyranosyl]-alpha-D-glucopyranosyl}oxy)-3-(heptanoyloxy)propan-2-yl (7Z)-pentadec-7-enoate'
3 non-polymer GLYCEROL
4 non-polymer 'L(+)-TARTARIC ACID'
5 water water
#
_entity_poly.entity_id   1
_entity_poly.type   'polypeptide(L)'
_entity_poly.pdbx_seq_one_letter_code
;EDPPACGSIVPRREWRALASECRERLTRPVRYVVVSHTAGSHCDTPASCAQQAQNVQSYHVRNLGWCDVGYNFLIGEDGL
VYEGRGWNIKGAHAGPTWNPISIGISFMGNYMNRVPPPRALRAAQNLLACGVALGALRSNYEVKGHRDVQPTLSPGDRLY
EIIQTWSHYRA
;
_entity_poly.pdbx_strand_id   A,B,C,D
#
# COMPACT_ATOMS: atom_id res chain seq x y z
N GLU A 1 14.85 -0.01 16.16
CA GLU A 1 13.45 -0.51 16.07
C GLU A 1 13.40 -1.83 15.28
N ASP A 2 13.60 -1.74 13.98
CA ASP A 2 13.57 -2.90 13.09
C ASP A 2 14.91 -3.02 12.38
N PRO A 3 15.58 -4.19 12.52
CA PRO A 3 16.94 -4.47 12.04
C PRO A 3 17.32 -3.91 10.66
N PRO A 4 16.53 -4.20 9.60
CA PRO A 4 16.97 -3.79 8.26
C PRO A 4 16.97 -2.28 8.01
N ALA A 5 18.16 -1.70 7.78
CA ALA A 5 18.37 -0.31 7.39
C ALA A 5 17.97 -0.52 5.92
N CYS A 6 17.17 0.39 5.37
CA CYS A 6 16.64 0.14 4.02
C CYS A 6 16.98 1.10 2.87
N GLY A 7 17.08 0.53 1.66
CA GLY A 7 17.37 1.30 0.46
C GLY A 7 18.78 1.87 0.39
N SER A 8 19.18 2.24 -0.82
CA SER A 8 20.49 2.84 -1.04
C SER A 8 20.28 4.33 -1.25
N ILE A 9 20.75 5.12 -0.30
CA ILE A 9 20.62 6.56 -0.38
C ILE A 9 22.00 7.18 -0.37
N VAL A 10 22.22 8.16 -1.24
CA VAL A 10 23.51 8.84 -1.27
C VAL A 10 23.52 9.78 -0.06
N PRO A 11 24.41 9.52 0.91
CA PRO A 11 24.50 10.35 2.12
C PRO A 11 24.81 11.82 1.84
N ARG A 12 24.37 12.69 2.74
CA ARG A 12 24.62 14.12 2.60
C ARG A 12 26.10 14.37 2.30
N ARG A 13 26.97 13.72 3.08
CA ARG A 13 28.41 13.87 2.93
C ARG A 13 28.88 13.56 1.52
N GLU A 14 28.30 12.51 0.93
CA GLU A 14 28.70 12.08 -0.41
C GLU A 14 28.36 13.09 -1.50
N TRP A 15 27.25 13.80 -1.41
CA TRP A 15 26.99 14.78 -2.45
C TRP A 15 27.47 16.17 -2.04
N ARG A 16 28.37 16.19 -1.05
CA ARG A 16 28.97 17.42 -0.55
C ARG A 16 27.97 18.47 -0.12
N ALA A 17 27.02 18.07 0.71
CA ALA A 17 25.98 18.96 1.21
C ALA A 17 26.50 19.93 2.27
N LEU A 18 25.93 21.13 2.32
CA LEU A 18 26.32 22.09 3.33
C LEU A 18 25.63 21.56 4.59
N ALA A 19 26.18 21.82 5.76
CA ALA A 19 25.59 21.35 7.00
C ALA A 19 24.20 21.94 7.18
N SER A 20 23.28 21.13 7.67
CA SER A 20 21.92 21.57 7.91
C SER A 20 21.81 22.30 9.24
N GLU A 21 20.90 23.28 9.31
CA GLU A 21 20.66 24.04 10.54
C GLU A 21 19.23 23.78 11.02
N CYS A 22 18.52 22.89 10.32
CA CYS A 22 17.14 22.60 10.69
C CYS A 22 17.08 21.83 12.01
N ARG A 23 16.05 22.11 12.82
CA ARG A 23 15.91 21.42 14.10
C ARG A 23 14.52 20.86 14.40
N GLU A 24 13.49 21.36 13.72
CA GLU A 24 12.15 20.86 13.96
C GLU A 24 11.94 19.45 13.41
N ARG A 25 11.46 18.54 14.25
CA ARG A 25 11.25 17.15 13.87
C ARG A 25 9.84 16.81 13.42
N LEU A 26 9.72 15.74 12.66
CA LEU A 26 8.44 15.26 12.18
C LEU A 26 7.95 14.22 13.19
N THR A 27 6.65 13.99 13.22
CA THR A 27 6.10 13.01 14.14
C THR A 27 5.95 11.69 13.40
N ARG A 28 6.69 10.66 13.85
CA ARG A 28 6.66 9.32 13.27
C ARG A 28 5.48 8.54 13.80
N PRO A 29 4.77 7.81 12.92
CA PRO A 29 5.05 7.71 11.49
C PRO A 29 4.33 8.82 10.70
N VAL A 30 4.86 9.15 9.52
CA VAL A 30 4.27 10.18 8.68
C VAL A 30 3.25 9.61 7.72
N ARG A 31 2.14 10.33 7.60
CA ARG A 31 1.03 9.88 6.77
C ARG A 31 1.10 10.27 5.30
N TYR A 32 1.68 11.43 5.01
CA TYR A 32 1.72 11.93 3.64
C TYR A 32 3.08 12.05 2.97
N VAL A 33 3.08 11.95 1.65
CA VAL A 33 4.29 12.11 0.84
C VAL A 33 3.92 13.01 -0.33
N VAL A 34 4.56 14.16 -0.44
CA VAL A 34 4.25 15.07 -1.53
C VAL A 34 5.33 14.96 -2.59
N VAL A 35 4.94 14.51 -3.78
CA VAL A 35 5.89 14.38 -4.88
C VAL A 35 5.96 15.67 -5.69
N SER A 36 7.17 16.20 -5.84
CA SER A 36 7.40 17.42 -6.61
C SER A 36 8.56 17.18 -7.58
N HIS A 37 8.83 18.19 -8.41
CA HIS A 37 9.97 18.17 -9.33
C HIS A 37 10.64 19.50 -9.02
N THR A 38 11.95 19.60 -9.23
CA THR A 38 12.69 20.82 -8.96
C THR A 38 12.46 21.86 -10.03
N ALA A 39 12.04 21.39 -11.20
CA ALA A 39 11.79 22.26 -12.34
C ALA A 39 13.11 22.87 -12.80
N GLY A 40 14.19 22.24 -12.37
CA GLY A 40 15.52 22.70 -12.74
C GLY A 40 16.11 21.74 -13.75
N SER A 41 17.43 21.68 -13.82
CA SER A 41 18.14 20.81 -14.75
C SER A 41 18.11 19.35 -14.33
N HIS A 42 18.06 18.45 -15.31
CA HIS A 42 18.09 17.02 -14.96
C HIS A 42 19.53 16.52 -15.11
N CYS A 43 19.82 15.35 -14.54
CA CYS A 43 21.18 14.80 -14.56
C CYS A 43 21.03 13.28 -14.62
N ASP A 44 21.85 12.60 -15.40
CA ASP A 44 21.74 11.16 -15.48
C ASP A 44 22.99 10.39 -15.13
N THR A 45 23.87 10.99 -14.34
CA THR A 45 25.09 10.31 -13.90
C THR A 45 25.29 10.66 -12.44
N PRO A 46 25.93 9.76 -11.68
CA PRO A 46 26.18 10.02 -10.26
C PRO A 46 26.88 11.34 -9.99
N ALA A 47 27.78 11.73 -10.90
CA ALA A 47 28.53 12.97 -10.72
C ALA A 47 27.69 14.20 -11.01
N SER A 48 26.94 14.15 -12.11
CA SER A 48 26.13 15.29 -12.46
C SER A 48 25.02 15.48 -11.45
N CYS A 49 24.51 14.38 -10.93
CA CYS A 49 23.41 14.45 -9.98
C CYS A 49 23.82 14.85 -8.60
N ALA A 50 25.06 14.55 -8.22
CA ALA A 50 25.48 14.95 -6.89
C ALA A 50 25.64 16.47 -6.97
N GLN A 51 26.03 16.95 -8.15
CA GLN A 51 26.25 18.37 -8.37
C GLN A 51 24.94 19.15 -8.37
N GLN A 52 23.92 18.60 -9.01
CA GLN A 52 22.62 19.26 -9.10
C GLN A 52 21.97 19.32 -7.72
N ALA A 53 22.17 18.27 -6.92
CA ALA A 53 21.60 18.26 -5.59
C ALA A 53 22.29 19.35 -4.77
N GLN A 54 23.56 19.58 -5.06
CA GLN A 54 24.33 20.59 -4.36
C GLN A 54 23.77 21.96 -4.80
N ASN A 55 23.43 22.07 -6.08
CA ASN A 55 22.88 23.30 -6.62
C ASN A 55 21.50 23.61 -6.05
N VAL A 56 20.69 22.57 -5.86
CA VAL A 56 19.38 22.80 -5.30
C VAL A 56 19.47 23.27 -3.86
N GLN A 57 20.31 22.61 -3.07
CA GLN A 57 20.47 22.98 -1.68
C GLN A 57 21.01 24.40 -1.58
N SER A 58 21.95 24.71 -2.47
CA SER A 58 22.59 26.01 -2.52
C SER A 58 21.59 27.12 -2.79
N TYR A 59 20.65 26.85 -3.69
CA TYR A 59 19.64 27.84 -4.02
C TYR A 59 18.71 28.06 -2.83
N HIS A 60 18.30 26.95 -2.19
CA HIS A 60 17.39 27.02 -1.04
C HIS A 60 18.01 27.70 0.18
N VAL A 61 19.26 27.33 0.48
CA VAL A 61 19.95 27.87 1.63
C VAL A 61 20.43 29.31 1.40
N ARG A 62 21.28 29.49 0.40
CA ARG A 62 21.86 30.79 0.08
C ARG A 62 20.89 31.83 -0.49
N ASN A 63 19.90 31.41 -1.26
CA ASN A 63 18.98 32.38 -1.84
C ASN A 63 17.62 32.52 -1.17
N LEU A 64 17.13 31.42 -0.61
CA LEU A 64 15.83 31.48 0.03
C LEU A 64 15.95 31.61 1.53
N GLY A 65 17.14 31.35 2.07
CA GLY A 65 17.36 31.45 3.50
C GLY A 65 16.89 30.27 4.33
N TRP A 66 16.68 29.12 3.70
CA TRP A 66 16.22 27.96 4.45
C TRP A 66 17.36 27.25 5.17
N CYS A 67 17.03 26.58 6.27
CA CYS A 67 18.01 25.86 7.09
C CYS A 67 18.70 24.72 6.38
N ASP A 68 18.17 24.34 5.21
CA ASP A 68 18.74 23.25 4.41
C ASP A 68 17.91 23.06 3.16
N VAL A 69 18.33 22.15 2.28
CA VAL A 69 17.56 21.91 1.08
C VAL A 69 16.15 21.58 1.63
N GLY A 70 15.13 22.20 1.06
CA GLY A 70 13.79 21.99 1.57
C GLY A 70 13.20 20.60 1.44
N TYR A 71 13.80 19.76 0.60
CA TYR A 71 13.28 18.43 0.39
C TYR A 71 13.86 17.40 1.34
N ASN A 72 13.02 16.45 1.75
CA ASN A 72 13.47 15.38 2.64
C ASN A 72 14.40 14.46 1.84
N PHE A 73 14.10 14.29 0.55
CA PHE A 73 14.88 13.42 -0.37
C PHE A 73 14.74 13.94 -1.78
N LEU A 74 15.80 13.72 -2.58
CA LEU A 74 15.83 14.08 -3.99
C LEU A 74 16.08 12.84 -4.84
N ILE A 75 15.42 12.76 -5.98
CA ILE A 75 15.58 11.62 -6.88
C ILE A 75 16.29 12.10 -8.14
N GLY A 76 17.34 11.40 -8.54
CA GLY A 76 18.05 11.78 -9.73
C GLY A 76 17.72 10.85 -10.89
N GLU A 77 17.99 11.27 -12.10
CA GLU A 77 17.71 10.41 -13.25
C GLU A 77 18.81 9.37 -13.37
N ASP A 78 19.86 9.53 -12.55
CA ASP A 78 20.96 8.57 -12.53
C ASP A 78 20.42 7.32 -11.82
N GLY A 79 19.21 7.43 -11.28
CA GLY A 79 18.58 6.31 -10.61
C GLY A 79 18.89 6.20 -9.13
N LEU A 80 19.51 7.21 -8.54
CA LEU A 80 19.83 7.18 -7.12
C LEU A 80 18.99 8.15 -6.31
N VAL A 81 18.84 7.87 -5.02
CA VAL A 81 18.09 8.76 -4.14
C VAL A 81 19.12 9.59 -3.39
N TYR A 82 18.90 10.90 -3.33
CA TYR A 82 19.82 11.79 -2.65
C TYR A 82 19.17 12.28 -1.37
N GLU A 83 19.86 12.07 -0.26
CA GLU A 83 19.35 12.47 1.04
C GLU A 83 19.24 13.97 1.23
N GLY A 84 18.07 14.40 1.67
CA GLY A 84 17.84 15.80 1.95
C GLY A 84 17.78 15.95 3.46
N ARG A 85 16.66 16.40 4.00
CA ARG A 85 16.57 16.55 5.44
C ARG A 85 16.32 15.20 6.10
N GLY A 86 16.06 14.16 5.30
CA GLY A 86 15.83 12.84 5.85
C GLY A 86 14.41 12.56 6.29
N TRP A 87 14.24 11.44 6.99
CA TRP A 87 12.94 11.00 7.47
C TRP A 87 12.45 11.69 8.73
N ASN A 88 13.40 12.09 9.58
CA ASN A 88 13.05 12.70 10.86
C ASN A 88 12.89 14.22 10.94
N ILE A 89 13.37 14.95 9.95
CA ILE A 89 13.29 16.41 9.95
C ILE A 89 12.21 17.01 9.06
N LYS A 90 11.49 17.99 9.57
CA LYS A 90 10.44 18.67 8.80
C LYS A 90 11.05 19.48 7.65
N GLY A 91 10.53 19.30 6.44
CA GLY A 91 11.08 20.04 5.31
C GLY A 91 10.26 21.27 4.94
N ALA A 92 10.70 21.96 3.91
CA ALA A 92 10.03 23.14 3.39
C ALA A 92 9.81 22.91 1.90
N HIS A 93 8.68 22.31 1.54
CA HIS A 93 8.41 22.01 0.13
C HIS A 93 6.95 22.06 -0.26
N ALA A 94 6.05 22.07 0.72
CA ALA A 94 4.62 22.10 0.40
C ALA A 94 3.79 23.13 1.17
N GLY A 95 4.43 24.10 1.79
CA GLY A 95 3.67 25.10 2.52
C GLY A 95 3.48 24.80 3.99
N PRO A 96 3.07 25.81 4.76
CA PRO A 96 2.83 25.72 6.20
C PRO A 96 1.84 24.64 6.66
N THR A 97 0.90 24.26 5.81
CA THR A 97 -0.08 23.24 6.20
C THR A 97 0.48 21.82 6.11
N TRP A 98 1.11 21.48 4.99
CA TRP A 98 1.65 20.16 4.74
C TRP A 98 3.07 19.89 5.20
N ASN A 99 3.94 20.91 5.22
CA ASN A 99 5.31 20.67 5.66
C ASN A 99 5.44 19.96 7.00
N PRO A 100 4.57 20.31 7.97
CA PRO A 100 4.61 19.68 9.28
C PRO A 100 4.12 18.23 9.37
N ILE A 101 3.38 17.78 8.36
CA ILE A 101 2.84 16.43 8.37
C ILE A 101 3.15 15.59 7.11
N SER A 102 4.27 15.85 6.44
CA SER A 102 4.55 15.04 5.26
C SER A 102 6.03 14.88 4.96
N ILE A 103 6.34 13.95 4.06
CA ILE A 103 7.71 13.74 3.62
C ILE A 103 7.71 14.29 2.20
N GLY A 104 8.64 15.19 1.88
CA GLY A 104 8.65 15.74 0.54
C GLY A 104 9.78 15.17 -0.29
N ILE A 105 9.45 14.46 -1.37
CA ILE A 105 10.48 13.92 -2.24
C ILE A 105 10.38 14.65 -3.57
N SER A 106 11.52 15.02 -4.14
CA SER A 106 11.50 15.77 -5.37
C SER A 106 12.40 15.18 -6.45
N PHE A 107 11.88 15.09 -7.67
CA PHE A 107 12.65 14.56 -8.81
C PHE A 107 13.44 15.74 -9.42
N MET A 108 14.75 15.59 -9.57
CA MET A 108 15.55 16.69 -10.12
C MET A 108 15.39 16.79 -11.63
N GLY A 109 14.63 17.78 -12.07
CA GLY A 109 14.40 17.98 -13.48
C GLY A 109 13.05 18.65 -13.67
N ASN A 110 12.70 18.96 -14.91
CA ASN A 110 11.41 19.57 -15.18
C ASN A 110 10.62 18.54 -15.95
N TYR A 111 9.50 18.09 -15.41
CA TYR A 111 8.73 17.05 -16.07
C TYR A 111 7.38 17.47 -16.68
N MET A 112 7.32 18.67 -17.28
CA MET A 112 6.11 19.13 -17.92
C MET A 112 5.95 18.43 -19.27
N ASN A 113 7.08 18.20 -19.92
CA ASN A 113 7.12 17.55 -21.21
C ASN A 113 8.01 16.32 -21.27
N ARG A 114 8.65 15.98 -20.15
CA ARG A 114 9.53 14.81 -20.09
C ARG A 114 9.04 13.91 -18.97
N VAL A 115 9.30 12.62 -19.08
CA VAL A 115 8.94 11.71 -18.00
C VAL A 115 10.25 11.26 -17.41
N PRO A 116 10.25 10.94 -16.12
CA PRO A 116 11.50 10.49 -15.53
C PRO A 116 11.76 9.06 -16.00
N PRO A 117 13.04 8.68 -16.15
CA PRO A 117 13.30 7.32 -16.59
C PRO A 117 12.83 6.32 -15.54
N PRO A 118 12.58 5.06 -15.97
CA PRO A 118 12.12 4.02 -15.05
C PRO A 118 12.99 3.90 -13.79
N ARG A 119 14.31 4.04 -13.94
CA ARG A 119 15.17 3.90 -12.78
C ARG A 119 14.90 4.97 -11.73
N ALA A 120 14.48 6.15 -12.16
CA ALA A 120 14.17 7.21 -11.21
C ALA A 120 12.86 6.82 -10.52
N LEU A 121 11.91 6.32 -11.28
CA LEU A 121 10.62 5.92 -10.72
C LEU A 121 10.80 4.80 -9.72
N ARG A 122 11.65 3.83 -10.04
CA ARG A 122 11.89 2.73 -9.13
C ARG A 122 12.60 3.24 -7.87
N ALA A 123 13.57 4.13 -8.03
CA ALA A 123 14.26 4.64 -6.86
C ALA A 123 13.26 5.32 -5.91
N ALA A 124 12.36 6.13 -6.46
CA ALA A 124 11.36 6.84 -5.65
C ALA A 124 10.44 5.88 -4.91
N GLN A 125 9.95 4.87 -5.61
CA GLN A 125 9.05 3.91 -5.00
C GLN A 125 9.72 3.04 -3.94
N ASN A 126 10.98 2.65 -4.13
CA ASN A 126 11.66 1.83 -3.13
C ASN A 126 12.01 2.63 -1.88
N LEU A 127 12.27 3.93 -2.06
CA LEU A 127 12.58 4.81 -0.94
C LEU A 127 11.37 4.82 -0.01
N LEU A 128 10.19 4.93 -0.60
CA LEU A 128 8.95 4.96 0.16
C LEU A 128 8.72 3.66 0.90
N ALA A 129 8.96 2.54 0.22
CA ALA A 129 8.77 1.23 0.83
C ALA A 129 9.70 1.13 2.02
N CYS A 130 10.88 1.72 1.85
CA CYS A 130 11.89 1.75 2.88
C CYS A 130 11.41 2.58 4.05
N GLY A 131 10.77 3.72 3.75
CA GLY A 131 10.27 4.57 4.82
C GLY A 131 9.26 3.84 5.66
N VAL A 132 8.43 3.05 5.00
CA VAL A 132 7.43 2.27 5.69
C VAL A 132 8.12 1.22 6.55
N ALA A 133 9.08 0.51 5.98
CA ALA A 133 9.82 -0.53 6.69
C ALA A 133 10.53 0.01 7.93
N LEU A 134 11.00 1.25 7.84
CA LEU A 134 11.73 1.88 8.94
C LEU A 134 10.84 2.42 10.02
N GLY A 135 9.55 2.53 9.72
CA GLY A 135 8.60 3.06 10.68
C GLY A 135 8.49 4.57 10.54
N ALA A 136 9.15 5.13 9.53
CA ALA A 136 9.13 6.57 9.29
C ALA A 136 7.82 7.00 8.63
N LEU A 137 7.27 6.11 7.81
CA LEU A 137 6.02 6.35 7.10
C LEU A 137 5.02 5.29 7.54
N ARG A 138 3.73 5.64 7.51
CA ARG A 138 2.67 4.71 7.86
C ARG A 138 2.55 3.65 6.77
N SER A 139 2.10 2.46 7.15
CA SER A 139 1.95 1.42 6.14
C SER A 139 0.93 1.87 5.10
N ASN A 140 -0.05 2.66 5.53
CA ASN A 140 -1.10 3.18 4.65
C ASN A 140 -0.85 4.65 4.34
N TYR A 141 0.41 4.99 4.09
CA TYR A 141 0.77 6.35 3.77
C TYR A 141 0.05 6.69 2.45
N GLU A 142 -0.05 7.99 2.19
CA GLU A 142 -0.69 8.49 0.98
C GLU A 142 0.25 9.38 0.21
N VAL A 143 0.29 9.20 -1.11
CA VAL A 143 1.13 9.99 -2.00
C VAL A 143 0.30 11.06 -2.69
N LYS A 144 0.78 12.29 -2.64
CA LYS A 144 0.07 13.39 -3.28
C LYS A 144 0.98 14.17 -4.22
N GLY A 145 0.40 14.78 -5.24
CA GLY A 145 1.19 15.58 -6.16
C GLY A 145 1.35 16.94 -5.48
N HIS A 146 2.38 17.68 -5.85
CA HIS A 146 2.60 19.00 -5.27
C HIS A 146 1.45 19.93 -5.65
N ARG A 147 0.91 19.71 -6.85
CA ARG A 147 -0.18 20.53 -7.35
C ARG A 147 -1.50 20.27 -6.62
N ASP A 148 -1.60 19.12 -5.93
CA ASP A 148 -2.80 18.78 -5.18
C ASP A 148 -2.85 19.51 -3.84
N VAL A 149 -1.71 19.97 -3.35
CA VAL A 149 -1.66 20.64 -2.06
C VAL A 149 -1.27 22.12 -2.13
N GLN A 150 -0.79 22.53 -3.29
CA GLN A 150 -0.41 23.91 -3.51
C GLN A 150 -0.72 24.29 -4.94
N PRO A 151 -0.95 25.59 -5.20
CA PRO A 151 -1.22 25.95 -6.60
C PRO A 151 0.10 25.99 -7.36
N THR A 152 0.40 24.92 -8.09
CA THR A 152 1.65 24.85 -8.83
C THR A 152 1.60 23.85 -9.97
N LEU A 153 2.57 23.93 -10.86
CA LEU A 153 2.67 23.03 -12.00
C LEU A 153 3.35 21.75 -11.54
N SER A 154 4.19 21.89 -10.53
CA SER A 154 4.95 20.80 -9.94
C SER A 154 3.94 19.69 -9.59
N PRO A 155 4.37 18.40 -9.74
CA PRO A 155 5.65 17.90 -10.25
C PRO A 155 5.78 17.83 -11.78
N GLY A 156 4.93 18.59 -12.52
CA GLY A 156 4.98 18.53 -13.96
C GLY A 156 3.95 17.56 -14.48
N ASP A 157 3.28 17.93 -15.56
CA ASP A 157 2.22 17.10 -16.12
C ASP A 157 2.56 15.63 -16.37
N ARG A 158 3.71 15.36 -16.94
CA ARG A 158 4.09 13.99 -17.27
C ARG A 158 4.36 13.12 -16.05
N LEU A 159 4.98 13.71 -15.04
CA LEU A 159 5.29 12.98 -13.82
C LEU A 159 4.00 12.83 -13.00
N TYR A 160 3.19 13.88 -13.02
CA TYR A 160 1.94 13.86 -12.28
C TYR A 160 1.03 12.75 -12.80
N GLU A 161 1.02 12.54 -14.10
CA GLU A 161 0.19 11.49 -14.68
C GLU A 161 0.63 10.13 -14.14
N ILE A 162 1.93 9.98 -13.96
CA ILE A 162 2.51 8.73 -13.49
C ILE A 162 2.25 8.44 -12.03
N ILE A 163 2.45 9.43 -11.15
CA ILE A 163 2.22 9.19 -9.75
C ILE A 163 0.75 8.94 -9.44
N GLN A 164 -0.14 9.27 -10.38
CA GLN A 164 -1.56 9.04 -10.16
C GLN A 164 -1.87 7.54 -10.25
N THR A 165 -1.04 6.81 -10.97
CA THR A 165 -1.25 5.38 -11.13
C THR A 165 -0.67 4.60 -9.97
N TRP A 166 0.04 5.29 -9.09
CA TRP A 166 0.66 4.63 -7.93
C TRP A 166 -0.36 4.13 -6.92
N SER A 167 -0.10 2.96 -6.34
CA SER A 167 -1.00 2.35 -5.37
C SER A 167 -1.42 3.22 -4.17
N HIS A 168 -0.50 4.04 -3.67
CA HIS A 168 -0.83 4.87 -2.52
C HIS A 168 -1.26 6.28 -2.89
N TYR A 169 -1.50 6.53 -4.18
CA TYR A 169 -1.91 7.87 -4.59
C TYR A 169 -3.37 8.15 -4.23
N ARG A 170 -3.60 9.32 -3.66
CA ARG A 170 -4.93 9.75 -3.25
C ARG A 170 -5.11 11.20 -3.70
N ALA A 171 -6.00 11.43 -4.67
CA ALA A 171 -6.22 12.78 -5.20
C ALA A 171 -6.49 13.83 -4.13
N GLU B 1 2.62 -4.74 -12.05
CA GLU B 1 1.57 -3.67 -12.12
C GLU B 1 1.37 -2.97 -10.77
N ASP B 2 1.97 -3.55 -9.73
CA ASP B 2 2.01 -2.94 -8.40
C ASP B 2 3.34 -2.16 -8.27
N PRO B 3 3.76 -1.79 -7.04
CA PRO B 3 5.11 -1.23 -6.86
C PRO B 3 6.22 -2.15 -7.40
N PRO B 4 7.34 -1.57 -7.85
CA PRO B 4 8.44 -2.34 -8.44
C PRO B 4 9.28 -3.10 -7.40
N ALA B 5 10.29 -3.82 -7.87
CA ALA B 5 11.14 -4.66 -7.02
C ALA B 5 12.07 -3.85 -6.13
N CYS B 6 12.41 -4.42 -4.96
CA CYS B 6 13.32 -3.80 -4.01
C CYS B 6 14.77 -3.78 -4.50
N GLY B 7 15.58 -2.92 -3.88
CA GLY B 7 16.98 -2.76 -4.25
C GLY B 7 17.19 -1.99 -5.54
N SER B 8 16.06 -1.54 -6.14
CA SER B 8 16.06 -0.81 -7.41
C SER B 8 16.92 -1.46 -8.49
N ILE B 9 16.62 -2.73 -8.77
CA ILE B 9 17.37 -3.51 -9.75
C ILE B 9 16.91 -3.14 -11.16
N VAL B 10 17.92 -2.87 -12.06
CA VAL B 10 17.61 -2.58 -13.45
C VAL B 10 17.19 -3.94 -14.05
N PRO B 11 15.92 -4.07 -14.51
CA PRO B 11 15.41 -5.31 -15.09
C PRO B 11 16.19 -5.75 -16.31
N ARG B 12 16.13 -7.05 -16.60
CA ARG B 12 16.81 -7.63 -17.75
C ARG B 12 16.53 -6.84 -19.01
N ARG B 13 15.24 -6.68 -19.31
CA ARG B 13 14.82 -5.97 -20.52
C ARG B 13 15.26 -4.53 -20.57
N GLU B 14 15.42 -3.88 -19.41
CA GLU B 14 15.86 -2.48 -19.42
C GLU B 14 17.30 -2.35 -19.92
N TRP B 15 18.17 -3.28 -19.52
CA TRP B 15 19.53 -3.20 -20.03
C TRP B 15 19.62 -4.00 -21.33
N ARG B 16 18.46 -4.20 -21.95
CA ARG B 16 18.33 -4.90 -23.23
C ARG B 16 18.98 -6.28 -23.31
N ALA B 17 18.64 -7.16 -22.36
CA ALA B 17 19.19 -8.51 -22.31
C ALA B 17 18.60 -9.50 -23.31
N LEU B 18 19.41 -10.47 -23.71
CA LEU B 18 18.93 -11.51 -24.61
C LEU B 18 18.10 -12.39 -23.68
N ALA B 19 17.06 -13.03 -24.21
CA ALA B 19 16.22 -13.87 -23.38
C ALA B 19 17.01 -15.03 -22.81
N SER B 20 16.75 -15.34 -21.55
CA SER B 20 17.45 -16.45 -20.91
C SER B 20 16.87 -17.79 -21.35
N GLU B 21 17.73 -18.81 -21.41
CA GLU B 21 17.29 -20.15 -21.79
C GLU B 21 17.54 -21.09 -20.62
N CYS B 22 17.88 -20.52 -19.46
CA CYS B 22 18.18 -21.32 -18.28
C CYS B 22 16.93 -21.88 -17.62
N ARG B 23 17.08 -23.05 -16.99
CA ARG B 23 15.97 -23.69 -16.31
C ARG B 23 16.32 -24.22 -14.92
N GLU B 24 17.59 -24.54 -14.66
CA GLU B 24 17.96 -25.03 -13.34
C GLU B 24 17.64 -24.00 -12.26
N ARG B 25 16.97 -24.44 -11.20
CA ARG B 25 16.60 -23.53 -10.12
C ARG B 25 17.33 -23.77 -8.80
N LEU B 26 17.44 -22.70 -8.03
CA LEU B 26 18.06 -22.76 -6.71
C LEU B 26 16.83 -22.89 -5.80
N THR B 27 17.01 -23.42 -4.60
CA THR B 27 15.87 -23.54 -3.69
C THR B 27 16.00 -22.47 -2.59
N ARG B 28 15.34 -21.33 -2.80
CA ARG B 28 15.38 -20.24 -1.82
C ARG B 28 14.59 -20.69 -0.59
N PRO B 29 14.97 -20.20 0.61
CA PRO B 29 16.08 -19.27 0.89
C PRO B 29 17.48 -19.88 0.73
N VAL B 30 18.37 -19.13 0.08
CA VAL B 30 19.75 -19.55 -0.18
C VAL B 30 20.71 -19.19 0.95
N ARG B 31 21.70 -20.04 1.16
CA ARG B 31 22.67 -19.87 2.24
C ARG B 31 23.98 -19.14 1.92
N TYR B 32 24.34 -19.02 0.65
CA TYR B 32 25.59 -18.36 0.28
C TYR B 32 25.52 -17.27 -0.78
N VAL B 33 26.45 -16.34 -0.69
CA VAL B 33 26.56 -15.25 -1.64
C VAL B 33 28.03 -15.14 -1.99
N VAL B 34 28.38 -15.36 -3.25
CA VAL B 34 29.78 -15.28 -3.66
C VAL B 34 30.02 -14.00 -4.47
N VAL B 35 31.03 -13.22 -4.07
CA VAL B 35 31.35 -11.96 -4.73
C VAL B 35 32.55 -12.04 -5.68
N SER B 36 32.32 -11.65 -6.93
CA SER B 36 33.37 -11.66 -7.93
C SER B 36 33.40 -10.34 -8.70
N HIS B 37 34.41 -10.16 -9.54
CA HIS B 37 34.47 -8.97 -10.37
C HIS B 37 34.44 -9.54 -11.79
N THR B 38 33.93 -8.79 -12.77
CA THR B 38 33.85 -9.31 -14.14
C THR B 38 35.20 -9.35 -14.85
N ALA B 39 36.18 -8.59 -14.35
CA ALA B 39 37.50 -8.53 -14.97
C ALA B 39 37.34 -7.97 -16.38
N GLY B 40 36.26 -7.22 -16.57
CA GLY B 40 35.99 -6.62 -17.86
C GLY B 40 36.13 -5.11 -17.71
N SER B 41 35.61 -4.35 -18.68
CA SER B 41 35.67 -2.90 -18.61
C SER B 41 34.74 -2.41 -17.50
N HIS B 42 35.10 -1.28 -16.89
CA HIS B 42 34.25 -0.72 -15.85
C HIS B 42 33.37 0.36 -16.50
N CYS B 43 32.27 0.72 -15.84
CA CYS B 43 31.35 1.72 -16.37
C CYS B 43 30.87 2.53 -15.18
N ASP B 44 30.59 3.82 -15.36
CA ASP B 44 30.17 4.65 -14.25
C ASP B 44 28.84 5.38 -14.45
N THR B 45 28.12 5.02 -15.50
CA THR B 45 26.83 5.66 -15.76
C THR B 45 25.83 4.62 -16.21
N PRO B 46 24.55 4.87 -15.98
CA PRO B 46 23.49 3.94 -16.37
C PRO B 46 23.60 3.48 -17.81
N ALA B 47 23.88 4.42 -18.70
CA ALA B 47 24.01 4.08 -20.12
C ALA B 47 25.20 3.18 -20.37
N SER B 48 26.35 3.51 -19.79
CA SER B 48 27.54 2.72 -20.02
C SER B 48 27.44 1.36 -19.37
N CYS B 49 26.84 1.33 -18.19
CA CYS B 49 26.71 0.10 -17.45
C CYS B 49 25.71 -0.88 -18.06
N ALA B 50 24.66 -0.37 -18.71
CA ALA B 50 23.70 -1.26 -19.34
C ALA B 50 24.39 -1.92 -20.51
N GLN B 51 25.29 -1.17 -21.14
CA GLN B 51 26.04 -1.66 -22.30
C GLN B 51 27.01 -2.76 -21.86
N GLN B 52 27.62 -2.58 -20.69
CA GLN B 52 28.58 -3.52 -20.17
C GLN B 52 27.89 -4.83 -19.74
N ALA B 53 26.68 -4.72 -19.20
CA ALA B 53 25.97 -5.93 -18.80
C ALA B 53 25.64 -6.68 -20.09
N GLN B 54 25.35 -5.93 -21.15
CA GLN B 54 25.05 -6.54 -22.44
C GLN B 54 26.28 -7.27 -22.95
N ASN B 55 27.43 -6.62 -22.78
CA ASN B 55 28.72 -7.18 -23.20
C ASN B 55 29.03 -8.44 -22.45
N VAL B 56 28.90 -8.41 -21.13
CA VAL B 56 29.21 -9.59 -20.36
C VAL B 56 28.29 -10.74 -20.75
N GLN B 57 26.99 -10.47 -20.87
CA GLN B 57 26.03 -11.51 -21.28
C GLN B 57 26.37 -12.05 -22.66
N SER B 58 26.63 -11.13 -23.58
CA SER B 58 26.95 -11.50 -24.94
C SER B 58 28.11 -12.49 -24.97
N TYR B 59 29.11 -12.26 -24.12
CA TYR B 59 30.27 -13.14 -24.08
C TYR B 59 29.92 -14.54 -23.59
N HIS B 60 29.14 -14.61 -22.51
CA HIS B 60 28.77 -15.91 -21.96
C HIS B 60 27.83 -16.68 -22.87
N VAL B 61 26.91 -15.97 -23.53
CA VAL B 61 25.93 -16.60 -24.41
C VAL B 61 26.45 -16.90 -25.82
N ARG B 62 26.94 -15.89 -26.51
CA ARG B 62 27.43 -16.09 -27.87
C ARG B 62 28.72 -16.89 -27.94
N ASN B 63 29.67 -16.58 -27.06
CA ASN B 63 30.95 -17.26 -27.10
C ASN B 63 31.12 -18.51 -26.27
N LEU B 64 30.66 -18.47 -25.02
CA LEU B 64 30.77 -19.62 -24.14
C LEU B 64 29.60 -20.57 -24.24
N GLY B 65 28.57 -20.17 -24.98
CA GLY B 65 27.40 -21.01 -25.16
C GLY B 65 26.52 -21.23 -23.94
N TRP B 66 26.58 -20.32 -22.96
CA TRP B 66 25.75 -20.49 -21.77
C TRP B 66 24.29 -20.09 -22.02
N CYS B 67 23.39 -20.56 -21.15
CA CYS B 67 21.95 -20.26 -21.29
C CYS B 67 21.66 -18.80 -20.96
N ASP B 68 22.59 -18.14 -20.29
CA ASP B 68 22.42 -16.74 -19.93
C ASP B 68 23.70 -16.23 -19.25
N VAL B 69 23.72 -14.95 -18.91
CA VAL B 69 24.90 -14.42 -18.26
C VAL B 69 25.09 -15.25 -16.96
N GLY B 70 26.32 -15.56 -16.60
CA GLY B 70 26.55 -16.38 -15.41
C GLY B 70 26.04 -15.86 -14.10
N TYR B 71 26.25 -14.57 -13.84
CA TYR B 71 25.88 -13.95 -12.58
C TYR B 71 24.38 -13.79 -12.30
N ASN B 72 24.02 -13.95 -11.03
CA ASN B 72 22.64 -13.78 -10.63
C ASN B 72 22.33 -12.28 -10.64
N PHE B 73 23.35 -11.49 -10.35
CA PHE B 73 23.23 -10.04 -10.29
C PHE B 73 24.57 -9.38 -10.59
N LEU B 74 24.51 -8.23 -11.26
CA LEU B 74 25.71 -7.45 -11.59
C LEU B 74 25.63 -6.08 -10.91
N ILE B 75 26.76 -5.60 -10.40
CA ILE B 75 26.83 -4.30 -9.71
C ILE B 75 27.63 -3.32 -10.54
N GLY B 76 27.05 -2.19 -10.89
CA GLY B 76 27.78 -1.22 -11.68
C GLY B 76 28.38 -0.15 -10.79
N GLU B 77 29.26 0.67 -11.36
CA GLU B 77 29.86 1.74 -10.55
C GLU B 77 28.90 2.93 -10.55
N ASP B 78 27.84 2.82 -11.34
CA ASP B 78 26.83 3.87 -11.41
C ASP B 78 25.98 3.76 -10.14
N GLY B 79 26.30 2.75 -9.32
CA GLY B 79 25.58 2.55 -8.08
C GLY B 79 24.28 1.78 -8.23
N LEU B 80 24.06 1.15 -9.39
CA LEU B 80 22.85 0.38 -9.65
C LEU B 80 23.14 -1.12 -9.74
N VAL B 81 22.12 -1.93 -9.50
CA VAL B 81 22.25 -3.38 -9.58
C VAL B 81 21.55 -3.81 -10.85
N TYR B 82 22.16 -4.74 -11.60
CA TYR B 82 21.58 -5.24 -12.85
C TYR B 82 21.14 -6.68 -12.70
N GLU B 83 19.89 -6.96 -13.05
CA GLU B 83 19.36 -8.31 -12.92
C GLU B 83 20.05 -9.27 -13.89
N GLY B 84 20.61 -10.33 -13.34
CA GLY B 84 21.28 -11.35 -14.14
C GLY B 84 20.30 -12.51 -14.19
N ARG B 85 20.66 -13.66 -13.63
CA ARG B 85 19.76 -14.80 -13.63
C ARG B 85 18.70 -14.65 -12.52
N GLY B 86 18.89 -13.67 -11.65
CA GLY B 86 17.94 -13.43 -10.58
C GLY B 86 18.07 -14.28 -9.35
N TRP B 87 17.02 -14.27 -8.53
CA TRP B 87 16.99 -15.03 -7.27
C TRP B 87 16.69 -16.51 -7.39
N ASN B 88 15.80 -16.87 -8.31
CA ASN B 88 15.37 -18.25 -8.50
C ASN B 88 16.16 -19.15 -9.44
N ILE B 89 17.02 -18.57 -10.26
CA ILE B 89 17.79 -19.39 -11.20
C ILE B 89 19.26 -19.58 -10.86
N LYS B 90 19.72 -20.83 -10.84
CA LYS B 90 21.11 -21.14 -10.53
C LYS B 90 22.08 -20.51 -11.51
N GLY B 91 23.11 -19.84 -11.00
CA GLY B 91 24.08 -19.20 -11.86
C GLY B 91 25.29 -20.03 -12.21
N ALA B 92 26.22 -19.40 -12.93
CA ALA B 92 27.47 -20.01 -13.35
C ALA B 92 28.60 -19.01 -13.08
N HIS B 93 29.07 -18.96 -11.85
CA HIS B 93 30.10 -18.00 -11.49
C HIS B 93 31.14 -18.50 -10.52
N ALA B 94 30.91 -19.54 -9.80
CA ALA B 94 31.83 -20.05 -8.78
C ALA B 94 32.03 -21.57 -8.82
N GLY B 95 31.77 -22.18 -9.98
CA GLY B 95 32.04 -23.61 -10.18
C GLY B 95 30.97 -24.55 -9.68
N PRO B 96 31.12 -25.86 -9.97
CA PRO B 96 30.09 -26.89 -9.73
C PRO B 96 29.70 -27.09 -8.26
N THR B 97 30.62 -26.79 -7.34
CA THR B 97 30.35 -26.93 -5.91
C THR B 97 29.51 -25.76 -5.40
N TRP B 98 29.94 -24.56 -5.76
CA TRP B 98 29.30 -23.34 -5.32
C TRP B 98 28.15 -22.76 -6.12
N ASN B 99 28.00 -23.12 -7.40
CA ASN B 99 26.89 -22.57 -8.17
C ASN B 99 25.49 -22.95 -7.71
N PRO B 100 25.29 -24.20 -7.25
CA PRO B 100 23.96 -24.64 -6.81
C PRO B 100 23.51 -24.21 -5.39
N ILE B 101 24.43 -23.70 -4.59
CA ILE B 101 24.05 -23.30 -3.24
C ILE B 101 24.23 -21.80 -2.95
N SER B 102 24.63 -21.00 -3.94
CA SER B 102 24.83 -19.57 -3.71
C SER B 102 24.23 -18.65 -4.77
N ILE B 103 24.23 -17.36 -4.43
CA ILE B 103 23.77 -16.30 -5.32
C ILE B 103 25.06 -15.62 -5.72
N GLY B 104 25.31 -15.46 -7.02
CA GLY B 104 26.56 -14.82 -7.40
C GLY B 104 26.43 -13.38 -7.85
N ILE B 105 27.02 -12.44 -7.11
CA ILE B 105 26.96 -11.04 -7.50
C ILE B 105 28.34 -10.62 -8.03
N SER B 106 28.35 -9.92 -9.17
CA SER B 106 29.63 -9.51 -9.77
C SER B 106 29.75 -8.00 -10.00
N PHE B 107 30.85 -7.42 -9.52
CA PHE B 107 31.10 -5.99 -9.72
C PHE B 107 31.71 -5.84 -11.13
N MET B 108 31.09 -5.02 -11.97
CA MET B 108 31.55 -4.82 -13.34
C MET B 108 32.80 -3.98 -13.41
N GLY B 109 33.93 -4.63 -13.70
CA GLY B 109 35.20 -3.94 -13.80
C GLY B 109 36.28 -4.80 -13.18
N ASN B 110 37.53 -4.32 -13.23
CA ASN B 110 38.66 -5.06 -12.63
C ASN B 110 39.02 -4.33 -11.34
N TYR B 111 39.05 -5.04 -10.22
CA TYR B 111 39.35 -4.40 -8.94
C TYR B 111 40.62 -4.88 -8.24
N MET B 112 41.62 -5.26 -9.03
CA MET B 112 42.89 -5.71 -8.47
C MET B 112 43.62 -4.51 -7.87
N ASN B 113 43.55 -3.41 -8.61
CA ASN B 113 44.20 -2.17 -8.22
C ASN B 113 43.21 -1.01 -8.14
N ARG B 114 41.94 -1.32 -7.91
CA ARG B 114 40.89 -0.30 -7.80
C ARG B 114 39.80 -0.72 -6.84
N VAL B 115 39.22 0.25 -6.15
CA VAL B 115 38.12 -0.05 -5.25
C VAL B 115 36.89 0.51 -5.93
N PRO B 116 35.76 -0.19 -5.82
CA PRO B 116 34.56 0.37 -6.45
C PRO B 116 33.97 1.47 -5.56
N PRO B 117 33.23 2.41 -6.16
CA PRO B 117 32.63 3.51 -5.40
C PRO B 117 31.71 3.07 -4.24
N PRO B 118 31.62 3.89 -3.19
CA PRO B 118 30.77 3.57 -2.03
C PRO B 118 29.34 3.20 -2.42
N ARG B 119 28.81 3.85 -3.43
CA ARG B 119 27.45 3.57 -3.89
C ARG B 119 27.34 2.18 -4.48
N ALA B 120 28.38 1.71 -5.16
CA ALA B 120 28.32 0.40 -5.75
C ALA B 120 28.31 -0.59 -4.59
N LEU B 121 29.07 -0.28 -3.54
CA LEU B 121 29.11 -1.14 -2.37
C LEU B 121 27.76 -1.10 -1.67
N ARG B 122 27.11 0.07 -1.64
CA ARG B 122 25.80 0.20 -1.00
C ARG B 122 24.76 -0.59 -1.79
N ALA B 123 24.85 -0.53 -3.11
CA ALA B 123 23.89 -1.26 -3.93
C ALA B 123 24.00 -2.75 -3.64
N ALA B 124 25.23 -3.22 -3.39
CA ALA B 124 25.48 -4.63 -3.09
C ALA B 124 24.86 -5.03 -1.75
N GLN B 125 25.05 -4.18 -0.75
CA GLN B 125 24.51 -4.45 0.58
C GLN B 125 22.99 -4.42 0.53
N ASN B 126 22.46 -3.44 -0.19
CA ASN B 126 21.02 -3.24 -0.34
C ASN B 126 20.39 -4.42 -1.09
N LEU B 127 21.13 -4.96 -2.05
CA LEU B 127 20.64 -6.09 -2.83
C LEU B 127 20.45 -7.31 -1.94
N LEU B 128 21.44 -7.57 -1.09
CA LEU B 128 21.41 -8.71 -0.19
C LEU B 128 20.31 -8.61 0.84
N ALA B 129 20.03 -7.46 1.37
CA ALA B 129 18.97 -7.23 2.35
C ALA B 129 17.58 -7.44 1.73
N CYS B 130 17.43 -7.00 0.49
CA CYS B 130 16.19 -7.16 -0.28
C CYS B 130 15.96 -8.62 -0.68
N GLY B 131 17.02 -9.42 -0.68
CA GLY B 131 16.93 -10.86 -0.91
C GLY B 131 16.28 -11.59 0.26
N VAL B 132 16.51 -11.10 1.45
CA VAL B 132 15.95 -11.69 2.66
C VAL B 132 14.50 -11.30 2.72
N ALA B 133 14.23 -10.02 2.50
CA ALA B 133 12.87 -9.50 2.53
C ALA B 133 12.00 -10.24 1.53
N LEU B 134 12.60 -10.66 0.43
CA LEU B 134 11.87 -11.39 -0.60
C LEU B 134 11.79 -12.85 -0.19
N GLY B 135 12.76 -13.29 0.60
CA GLY B 135 12.77 -14.66 1.05
C GLY B 135 13.66 -15.53 0.18
N ALA B 136 14.50 -14.89 -0.63
CA ALA B 136 15.40 -15.60 -1.52
C ALA B 136 16.69 -15.97 -0.79
N LEU B 137 17.09 -15.14 0.15
CA LEU B 137 18.31 -15.39 0.92
C LEU B 137 17.97 -15.73 2.37
N ARG B 138 18.82 -16.54 3.01
CA ARG B 138 18.59 -16.89 4.41
C ARG B 138 18.75 -15.61 5.24
N SER B 139 17.74 -15.33 6.06
CA SER B 139 17.79 -14.14 6.89
C SER B 139 19.16 -14.01 7.54
N ASN B 140 19.76 -15.15 7.85
CA ASN B 140 21.08 -15.17 8.46
C ASN B 140 22.02 -15.91 7.52
N TYR B 141 22.29 -15.29 6.37
CA TYR B 141 23.15 -15.85 5.33
C TYR B 141 24.65 -15.72 5.59
N GLU B 142 25.45 -16.11 4.59
CA GLU B 142 26.90 -16.06 4.71
C GLU B 142 27.55 -15.58 3.40
N VAL B 143 28.55 -14.72 3.51
CA VAL B 143 29.23 -14.17 2.33
C VAL B 143 30.67 -14.63 2.09
N LYS B 144 30.95 -15.02 0.85
CA LYS B 144 32.27 -15.51 0.45
C LYS B 144 32.84 -14.71 -0.74
N GLY B 145 34.16 -14.74 -0.88
CA GLY B 145 34.80 -14.06 -2.00
C GLY B 145 35.04 -15.11 -3.08
N HIS B 146 35.30 -14.69 -4.30
CA HIS B 146 35.52 -15.63 -5.40
C HIS B 146 36.76 -16.47 -5.16
N ARG B 147 37.80 -15.85 -4.64
CA ARG B 147 39.06 -16.57 -4.38
C ARG B 147 38.97 -17.50 -3.18
N ASP B 148 37.92 -17.36 -2.37
CA ASP B 148 37.75 -18.22 -1.20
C ASP B 148 37.15 -19.56 -1.59
N VAL B 149 36.65 -19.65 -2.81
CA VAL B 149 36.03 -20.88 -3.27
C VAL B 149 36.54 -21.41 -4.61
N GLN B 150 37.31 -20.58 -5.31
CA GLN B 150 37.89 -20.99 -6.59
C GLN B 150 39.28 -20.41 -6.77
N PRO B 151 40.10 -21.05 -7.60
CA PRO B 151 41.46 -20.53 -7.80
C PRO B 151 41.51 -19.35 -8.78
N THR B 152 41.21 -18.15 -8.27
CA THR B 152 41.22 -16.94 -9.08
C THR B 152 41.46 -15.73 -8.20
N LEU B 153 42.07 -14.70 -8.78
CA LEU B 153 42.37 -13.46 -8.07
C LEU B 153 41.12 -12.60 -7.99
N SER B 154 40.03 -13.07 -8.61
CA SER B 154 38.76 -12.36 -8.58
C SER B 154 38.31 -12.39 -7.12
N PRO B 155 37.59 -11.35 -6.62
CA PRO B 155 37.15 -10.11 -7.27
C PRO B 155 38.18 -8.98 -7.30
N GLY B 156 39.45 -9.29 -7.19
CA GLY B 156 40.48 -8.26 -7.15
C GLY B 156 40.92 -8.00 -5.71
N ASP B 157 42.18 -7.65 -5.54
CA ASP B 157 42.74 -7.39 -4.21
C ASP B 157 42.01 -6.32 -3.41
N ARG B 158 41.80 -5.16 -4.03
CA ARG B 158 41.14 -4.04 -3.37
C ARG B 158 39.71 -4.36 -2.92
N LEU B 159 38.90 -4.87 -3.86
CA LEU B 159 37.52 -5.22 -3.56
C LEU B 159 37.44 -6.37 -2.55
N TYR B 160 38.41 -7.29 -2.62
CA TYR B 160 38.43 -8.44 -1.72
C TYR B 160 38.66 -8.05 -0.27
N GLU B 161 39.61 -7.14 -0.03
CA GLU B 161 39.88 -6.75 1.34
C GLU B 161 38.71 -6.00 1.96
N ILE B 162 37.90 -5.36 1.12
CA ILE B 162 36.73 -4.61 1.58
C ILE B 162 35.63 -5.57 2.03
N ILE B 163 35.31 -6.56 1.19
CA ILE B 163 34.24 -7.48 1.56
C ILE B 163 34.61 -8.31 2.78
N GLN B 164 35.89 -8.36 3.13
CA GLN B 164 36.30 -9.12 4.31
C GLN B 164 35.84 -8.41 5.58
N THR B 165 35.64 -7.11 5.47
CA THR B 165 35.21 -6.30 6.61
C THR B 165 33.71 -6.31 6.82
N TRP B 166 32.98 -6.91 5.89
CA TRP B 166 31.52 -6.98 5.97
C TRP B 166 31.01 -7.81 7.15
N SER B 167 29.83 -7.45 7.67
CA SER B 167 29.22 -8.11 8.81
C SER B 167 28.69 -9.52 8.57
N HIS B 168 28.38 -9.85 7.32
CA HIS B 168 27.85 -11.19 7.03
C HIS B 168 28.90 -12.14 6.45
N TYR B 169 30.11 -11.64 6.25
CA TYR B 169 31.20 -12.43 5.70
C TYR B 169 31.49 -13.65 6.58
N ARG B 170 31.93 -14.72 5.95
CA ARG B 170 32.28 -15.95 6.69
C ARG B 170 33.63 -16.44 6.18
N ALA B 171 34.53 -16.76 7.11
CA ALA B 171 35.87 -17.21 6.76
C ALA B 171 35.92 -18.35 5.74
N GLU C 1 -27.25 36.82 3.75
CA GLU C 1 -26.07 36.94 4.65
C GLU C 1 -26.46 36.59 6.08
N ASP C 2 -27.42 35.68 6.21
CA ASP C 2 -27.93 35.28 7.52
C ASP C 2 -27.13 34.19 8.25
N PRO C 3 -26.75 34.48 9.51
CA PRO C 3 -25.99 33.56 10.35
C PRO C 3 -26.76 32.97 11.53
N PRO C 4 -27.12 31.68 11.42
CA PRO C 4 -27.85 31.04 12.51
C PRO C 4 -26.90 30.21 13.40
N ALA C 5 -27.02 30.40 14.72
CA ALA C 5 -26.21 29.67 15.67
C ALA C 5 -27.01 28.49 16.21
N CYS C 6 -27.45 27.62 15.30
CA CYS C 6 -28.23 26.44 15.63
C CYS C 6 -27.38 25.21 15.93
N GLY C 7 -26.17 25.41 16.46
CA GLY C 7 -25.30 24.27 16.75
C GLY C 7 -25.25 23.78 18.19
N SER C 8 -26.02 22.74 18.49
CA SER C 8 -26.00 22.13 19.81
C SER C 8 -25.14 20.88 19.62
N ILE C 9 -23.99 21.12 19.01
CA ILE C 9 -23.04 20.08 18.70
C ILE C 9 -21.93 20.14 19.73
N VAL C 10 -21.49 18.96 20.17
CA VAL C 10 -20.42 18.87 21.12
C VAL C 10 -19.11 18.91 20.34
N PRO C 11 -18.29 19.95 20.58
CA PRO C 11 -17.00 20.13 19.89
C PRO C 11 -16.06 18.97 20.16
N ARG C 12 -15.14 18.72 19.24
CA ARG C 12 -14.16 17.64 19.40
C ARG C 12 -13.40 17.81 20.71
N ARG C 13 -12.97 19.04 20.99
CA ARG C 13 -12.23 19.33 22.21
C ARG C 13 -13.04 18.91 23.44
N GLU C 14 -14.35 19.10 23.37
CA GLU C 14 -15.19 18.77 24.51
C GLU C 14 -15.31 17.28 24.76
N TRP C 15 -15.27 16.46 23.72
CA TRP C 15 -15.33 15.04 24.00
C TRP C 15 -13.94 14.43 23.98
N ARG C 16 -12.94 15.30 24.09
CA ARG C 16 -11.54 14.90 24.13
C ARG C 16 -11.10 14.05 22.95
N ALA C 17 -11.40 14.52 21.73
CA ALA C 17 -11.00 13.77 20.54
C ALA C 17 -9.51 13.92 20.27
N LEU C 18 -8.93 12.92 19.61
CA LEU C 18 -7.53 12.96 19.24
C LEU C 18 -7.53 13.89 18.04
N ALA C 19 -6.46 14.64 17.86
CA ALA C 19 -6.31 15.55 16.73
C ALA C 19 -6.47 14.84 15.40
N SER C 20 -7.13 15.51 14.46
CA SER C 20 -7.35 14.97 13.13
C SER C 20 -6.23 15.25 12.15
N GLU C 21 -5.91 14.23 11.36
CA GLU C 21 -4.87 14.36 10.35
C GLU C 21 -5.49 14.40 8.95
N CYS C 22 -6.82 14.54 8.89
CA CYS C 22 -7.52 14.60 7.61
C CYS C 22 -7.39 15.98 7.01
N ARG C 23 -7.27 16.06 5.69
CA ARG C 23 -7.13 17.33 5.02
C ARG C 23 -8.04 17.48 3.82
N GLU C 24 -8.58 16.39 3.29
CA GLU C 24 -9.44 16.56 2.12
C GLU C 24 -10.78 17.22 2.44
N ARG C 25 -11.17 18.17 1.60
CA ARG C 25 -12.41 18.91 1.79
C ARG C 25 -13.60 18.47 0.95
N LEU C 26 -14.78 18.78 1.46
CA LEU C 26 -16.03 18.48 0.81
C LEU C 26 -16.43 19.79 0.12
N THR C 27 -17.08 19.72 -1.02
CA THR C 27 -17.48 20.97 -1.67
C THR C 27 -18.93 21.26 -1.26
N ARG C 28 -19.16 22.39 -0.61
CA ARG C 28 -20.52 22.73 -0.22
C ARG C 28 -21.21 23.54 -1.32
N PRO C 29 -22.54 23.44 -1.45
CA PRO C 29 -23.43 22.63 -0.61
C PRO C 29 -23.47 21.14 -0.96
N VAL C 30 -23.39 20.30 0.06
CA VAL C 30 -23.40 18.87 -0.11
C VAL C 30 -24.81 18.38 -0.42
N ARG C 31 -24.93 17.49 -1.41
CA ARG C 31 -26.23 16.98 -1.80
C ARG C 31 -26.78 15.80 -1.00
N TYR C 32 -25.91 14.93 -0.49
CA TYR C 32 -26.34 13.74 0.23
C TYR C 32 -25.95 13.61 1.71
N VAL C 33 -26.73 12.80 2.41
CA VAL C 33 -26.50 12.49 3.81
C VAL C 33 -26.70 10.97 3.89
N VAL C 34 -25.73 10.27 4.46
CA VAL C 34 -25.84 8.83 4.59
C VAL C 34 -25.87 8.51 6.06
N VAL C 35 -26.95 7.87 6.48
CA VAL C 35 -27.15 7.51 7.87
C VAL C 35 -26.69 6.08 8.17
N SER C 36 -25.89 5.92 9.22
CA SER C 36 -25.37 4.62 9.63
C SER C 36 -25.46 4.50 11.15
N HIS C 37 -25.08 3.35 11.68
CA HIS C 37 -25.03 3.17 13.12
C HIS C 37 -23.67 2.58 13.33
N THR C 38 -23.07 2.76 14.49
CA THR C 38 -21.75 2.24 14.84
C THR C 38 -21.78 0.73 15.10
N ALA C 39 -22.99 0.18 15.23
CA ALA C 39 -23.23 -1.23 15.54
C ALA C 39 -22.33 -1.63 16.71
N GLY C 40 -22.16 -0.70 17.66
CA GLY C 40 -21.36 -0.93 18.85
C GLY C 40 -22.34 -0.68 19.99
N SER C 41 -21.79 -0.37 21.17
CA SER C 41 -22.60 -0.08 22.35
C SER C 41 -23.10 1.36 22.31
N HIS C 42 -24.36 1.54 22.79
CA HIS C 42 -24.91 2.88 22.81
C HIS C 42 -24.64 3.56 24.15
N CYS C 43 -25.03 4.82 24.28
CA CYS C 43 -24.80 5.58 25.49
C CYS C 43 -25.92 6.58 25.67
N ASP C 44 -26.36 6.81 26.90
CA ASP C 44 -27.42 7.77 27.14
C ASP C 44 -27.07 8.96 28.05
N THR C 45 -25.80 9.19 28.33
CA THR C 45 -25.43 10.37 29.15
C THR C 45 -24.25 11.08 28.49
N PRO C 46 -24.22 12.43 28.57
CA PRO C 46 -23.14 13.20 27.97
C PRO C 46 -21.75 12.62 28.28
N ALA C 47 -21.57 12.17 29.51
CA ALA C 47 -20.29 11.61 29.92
C ALA C 47 -19.98 10.27 29.26
N SER C 48 -20.96 9.38 29.24
CA SER C 48 -20.74 8.08 28.63
C SER C 48 -20.70 8.20 27.12
N CYS C 49 -21.39 9.19 26.58
CA CYS C 49 -21.40 9.38 25.14
C CYS C 49 -20.13 10.05 24.64
N ALA C 50 -19.49 10.84 25.48
CA ALA C 50 -18.24 11.46 25.07
C ALA C 50 -17.20 10.33 25.02
N GLN C 51 -17.32 9.42 25.98
CA GLN C 51 -16.41 8.29 26.09
C GLN C 51 -16.60 7.32 24.92
N GLN C 52 -17.85 7.10 24.51
CA GLN C 52 -18.11 6.19 23.42
C GLN C 52 -17.59 6.80 22.12
N ALA C 53 -17.69 8.12 22.00
CA ALA C 53 -17.19 8.79 20.80
C ALA C 53 -15.68 8.60 20.76
N GLN C 54 -15.05 8.64 21.94
CA GLN C 54 -13.62 8.44 22.01
C GLN C 54 -13.29 7.04 21.50
N ASN C 55 -14.06 6.04 21.95
CA ASN C 55 -13.86 4.66 21.54
C ASN C 55 -14.02 4.50 20.03
N VAL C 56 -15.10 5.03 19.48
CA VAL C 56 -15.29 4.91 18.04
C VAL C 56 -14.12 5.51 17.29
N GLN C 57 -13.64 6.68 17.74
CA GLN C 57 -12.52 7.30 17.06
C GLN C 57 -11.24 6.48 17.23
N SER C 58 -11.09 5.91 18.42
CA SER C 58 -9.93 5.10 18.73
C SER C 58 -9.90 3.88 17.81
N TYR C 59 -11.06 3.31 17.53
CA TYR C 59 -11.11 2.15 16.65
C TYR C 59 -10.63 2.55 15.26
N HIS C 60 -11.17 3.65 14.77
CA HIS C 60 -10.82 4.16 13.44
C HIS C 60 -9.38 4.66 13.28
N VAL C 61 -8.87 5.33 14.31
CA VAL C 61 -7.54 5.90 14.23
C VAL C 61 -6.43 4.94 14.61
N ARG C 62 -6.59 4.26 15.74
CA ARG C 62 -5.59 3.32 16.20
C ARG C 62 -5.66 1.94 15.56
N ASN C 63 -6.86 1.41 15.36
CA ASN C 63 -6.94 0.07 14.76
C ASN C 63 -6.87 0.07 13.24
N LEU C 64 -7.67 0.95 12.63
CA LEU C 64 -7.73 1.06 11.17
C LEU C 64 -6.68 2.02 10.64
N GLY C 65 -5.97 2.73 11.52
CA GLY C 65 -4.95 3.65 11.08
C GLY C 65 -5.42 4.87 10.28
N TRP C 66 -6.66 5.29 10.49
CA TRP C 66 -7.22 6.44 9.78
C TRP C 66 -6.86 7.81 10.40
N CYS C 67 -6.98 8.87 9.60
CA CYS C 67 -6.70 10.25 10.01
C CYS C 67 -7.63 10.75 11.09
N ASP C 68 -8.87 10.24 11.06
CA ASP C 68 -9.84 10.62 12.07
C ASP C 68 -11.02 9.64 12.04
N VAL C 69 -11.96 9.87 12.95
CA VAL C 69 -13.13 9.04 12.98
C VAL C 69 -13.76 9.29 11.60
N GLY C 70 -14.23 8.23 10.95
CA GLY C 70 -14.78 8.39 9.62
C GLY C 70 -16.06 9.17 9.44
N TYR C 71 -16.86 9.34 10.49
CA TYR C 71 -18.12 10.05 10.33
C TYR C 71 -17.99 11.56 10.47
N ASN C 72 -18.87 12.30 9.78
CA ASN C 72 -18.84 13.75 9.89
C ASN C 72 -19.47 14.17 11.20
N PHE C 73 -20.43 13.38 11.67
CA PHE C 73 -21.10 13.62 12.94
C PHE C 73 -21.58 12.30 13.53
N LEU C 74 -21.60 12.23 14.85
CA LEU C 74 -22.11 11.05 15.53
C LEU C 74 -23.30 11.52 16.38
N ILE C 75 -24.31 10.66 16.56
CA ILE C 75 -25.50 11.01 17.34
C ILE C 75 -25.61 10.13 18.58
N GLY C 76 -25.65 10.75 19.76
CA GLY C 76 -25.74 9.96 20.98
C GLY C 76 -27.18 9.76 21.42
N GLU C 77 -27.41 8.77 22.27
CA GLU C 77 -28.77 8.57 22.74
C GLU C 77 -28.97 9.55 23.89
N ASP C 78 -27.96 10.38 24.13
CA ASP C 78 -28.09 11.37 25.19
C ASP C 78 -28.78 12.57 24.57
N GLY C 79 -29.11 12.44 23.29
CA GLY C 79 -29.79 13.50 22.56
C GLY C 79 -28.88 14.60 22.02
N LEU C 80 -27.56 14.39 22.09
CA LEU C 80 -26.59 15.36 21.59
C LEU C 80 -25.88 14.86 20.33
N VAL C 81 -25.43 15.80 19.50
CA VAL C 81 -24.69 15.48 18.29
C VAL C 81 -23.22 15.67 18.67
N TYR C 82 -22.37 14.75 18.24
CA TYR C 82 -20.93 14.84 18.52
C TYR C 82 -20.21 15.15 17.24
N GLU C 83 -19.38 16.20 17.27
CA GLU C 83 -18.63 16.61 16.08
C GLU C 83 -17.59 15.59 15.67
N GLY C 84 -17.69 15.15 14.42
CA GLY C 84 -16.75 14.20 13.86
C GLY C 84 -15.85 15.03 12.98
N ARG C 85 -15.82 14.72 11.69
CA ARG C 85 -14.99 15.47 10.76
C ARG C 85 -15.62 16.81 10.40
N GLY C 86 -16.86 17.02 10.81
CA GLY C 86 -17.53 18.28 10.54
C GLY C 86 -18.16 18.39 9.17
N TRP C 87 -18.59 19.60 8.83
CA TRP C 87 -19.25 19.92 7.57
C TRP C 87 -18.33 20.08 6.38
N ASN C 88 -17.07 20.42 6.64
CA ASN C 88 -16.14 20.69 5.55
C ASN C 88 -15.13 19.62 5.22
N ILE C 89 -14.98 18.60 6.04
CA ILE C 89 -14.01 17.58 5.71
C ILE C 89 -14.62 16.27 5.22
N LYS C 90 -14.20 15.77 4.07
CA LYS C 90 -14.75 14.53 3.57
C LYS C 90 -14.54 13.40 4.56
N GLY C 91 -15.57 12.64 4.83
CA GLY C 91 -15.47 11.55 5.79
C GLY C 91 -15.17 10.24 5.08
N ALA C 92 -15.03 9.18 5.86
CA ALA C 92 -14.76 7.83 5.36
C ALA C 92 -15.86 6.96 5.99
N HIS C 93 -17.04 6.97 5.37
CA HIS C 93 -18.16 6.24 5.94
C HIS C 93 -19.04 5.53 4.93
N ALA C 94 -18.96 5.92 3.66
CA ALA C 94 -19.82 5.28 2.67
C ALA C 94 -19.14 4.90 1.36
N GLY C 95 -17.82 4.80 1.35
CA GLY C 95 -17.12 4.42 0.13
C GLY C 95 -16.60 5.58 -0.70
N PRO C 96 -15.75 5.28 -1.72
CA PRO C 96 -15.15 6.28 -2.62
C PRO C 96 -16.11 7.03 -3.54
N THR C 97 -17.25 6.41 -3.82
CA THR C 97 -18.25 7.04 -4.67
C THR C 97 -19.14 7.99 -3.86
N TRP C 98 -19.42 7.62 -2.62
CA TRP C 98 -20.29 8.46 -1.81
C TRP C 98 -19.59 9.38 -0.81
N ASN C 99 -18.45 8.99 -0.25
CA ASN C 99 -17.79 9.87 0.70
C ASN C 99 -17.64 11.33 0.26
N PRO C 100 -17.13 11.56 -0.96
CA PRO C 100 -16.92 12.91 -1.48
C PRO C 100 -18.16 13.76 -1.80
N ILE C 101 -19.34 13.15 -1.80
CA ILE C 101 -20.54 13.90 -2.12
C ILE C 101 -21.59 13.83 -1.03
N SER C 102 -21.21 13.36 0.15
CA SER C 102 -22.18 13.25 1.22
C SER C 102 -21.62 13.60 2.59
N ILE C 103 -22.52 13.75 3.54
CA ILE C 103 -22.16 13.98 4.92
C ILE C 103 -22.59 12.68 5.59
N GLY C 104 -21.70 12.04 6.34
CA GLY C 104 -22.10 10.81 6.99
C GLY C 104 -22.38 11.04 8.47
N ILE C 105 -23.61 10.74 8.92
CA ILE C 105 -23.93 10.86 10.33
C ILE C 105 -24.20 9.45 10.85
N SER C 106 -23.62 9.12 11.99
CA SER C 106 -23.76 7.79 12.57
C SER C 106 -24.34 7.83 13.99
N PHE C 107 -25.34 6.98 14.23
CA PHE C 107 -25.95 6.88 15.56
C PHE C 107 -25.10 5.91 16.38
N MET C 108 -24.73 6.28 17.59
CA MET C 108 -23.91 5.40 18.40
C MET C 108 -24.77 4.33 19.06
N GLY C 109 -24.58 3.10 18.61
CA GLY C 109 -25.32 1.96 19.12
C GLY C 109 -25.62 0.99 17.97
N ASN C 110 -26.32 -0.10 18.28
CA ASN C 110 -26.70 -1.07 17.24
C ASN C 110 -28.23 -1.07 17.16
N TYR C 111 -28.76 -0.74 16.00
CA TYR C 111 -30.21 -0.65 15.87
C TYR C 111 -30.92 -1.74 15.07
N MET C 112 -30.44 -2.97 15.20
CA MET C 112 -31.09 -4.08 14.52
C MET C 112 -32.37 -4.45 15.27
N ASN C 113 -32.28 -4.37 16.59
CA ASN C 113 -33.43 -4.69 17.44
C ASN C 113 -33.75 -3.59 18.44
N ARG C 114 -33.35 -2.36 18.14
CA ARG C 114 -33.63 -1.22 19.02
C ARG C 114 -33.84 0.01 18.15
N VAL C 115 -34.65 0.94 18.62
CA VAL C 115 -34.84 2.18 17.88
C VAL C 115 -34.12 3.23 18.70
N PRO C 116 -33.64 4.28 18.06
CA PRO C 116 -32.97 5.27 18.90
C PRO C 116 -34.10 6.05 19.58
N PRO C 117 -33.82 6.60 20.77
CA PRO C 117 -34.87 7.36 21.45
C PRO C 117 -35.26 8.61 20.67
N PRO C 118 -36.45 9.16 20.93
CA PRO C 118 -36.91 10.36 20.22
C PRO C 118 -35.88 11.48 20.21
N ARG C 119 -35.23 11.68 21.35
CA ARG C 119 -34.25 12.75 21.46
C ARG C 119 -33.04 12.53 20.54
N ALA C 120 -32.71 11.28 20.20
CA ALA C 120 -31.58 11.05 19.30
C ALA C 120 -32.01 11.41 17.89
N LEU C 121 -33.24 11.04 17.54
CA LEU C 121 -33.78 11.33 16.22
C LEU C 121 -33.99 12.83 16.08
N ARG C 122 -34.43 13.49 17.16
CA ARG C 122 -34.63 14.93 17.07
C ARG C 122 -33.27 15.57 16.81
N ALA C 123 -32.26 15.09 17.52
CA ALA C 123 -30.92 15.63 17.36
C ALA C 123 -30.47 15.53 15.90
N ALA C 124 -30.68 14.37 15.28
CA ALA C 124 -30.28 14.16 13.88
C ALA C 124 -30.99 15.05 12.88
N GLN C 125 -32.29 15.23 13.04
CA GLN C 125 -33.06 16.08 12.13
C GLN C 125 -32.71 17.54 12.35
N ASN C 126 -32.42 17.91 13.58
CA ASN C 126 -32.07 19.29 13.89
C ASN C 126 -30.68 19.57 13.30
N LEU C 127 -29.81 18.56 13.33
CA LEU C 127 -28.46 18.69 12.79
C LEU C 127 -28.56 18.92 11.29
N LEU C 128 -29.42 18.13 10.63
CA LEU C 128 -29.57 18.29 9.19
C LEU C 128 -30.22 19.63 8.85
N ALA C 129 -31.14 20.11 9.68
CA ALA C 129 -31.77 21.39 9.41
C ALA C 129 -30.72 22.49 9.54
N CYS C 130 -29.86 22.34 10.54
CA CYS C 130 -28.80 23.31 10.77
C CYS C 130 -27.85 23.30 9.57
N GLY C 131 -27.61 22.13 8.99
CA GLY C 131 -26.72 22.04 7.84
C GLY C 131 -27.24 22.83 6.66
N VAL C 132 -28.55 22.81 6.46
CA VAL C 132 -29.18 23.54 5.36
C VAL C 132 -29.11 25.03 5.62
N ALA C 133 -29.41 25.43 6.85
CA ALA C 133 -29.37 26.85 7.20
C ALA C 133 -27.98 27.44 7.07
N LEU C 134 -26.95 26.63 7.25
CA LEU C 134 -25.58 27.14 7.13
C LEU C 134 -25.06 27.15 5.71
N GLY C 135 -25.72 26.40 4.84
CA GLY C 135 -25.28 26.33 3.47
C GLY C 135 -24.41 25.12 3.22
N ALA C 136 -24.19 24.31 4.26
CA ALA C 136 -23.37 23.11 4.13
C ALA C 136 -24.09 22.01 3.36
N LEU C 137 -25.41 21.95 3.51
CA LEU C 137 -26.22 20.95 2.80
C LEU C 137 -27.19 21.64 1.86
N ARG C 138 -27.47 21.02 0.72
CA ARG C 138 -28.45 21.63 -0.16
C ARG C 138 -29.81 21.55 0.55
N SER C 139 -30.65 22.55 0.33
CA SER C 139 -31.96 22.57 0.97
C SER C 139 -32.76 21.36 0.55
N ASN C 140 -32.44 20.82 -0.62
CA ASN C 140 -33.16 19.65 -1.12
C ASN C 140 -32.28 18.40 -1.04
N TYR C 141 -31.47 18.32 0.02
CA TYR C 141 -30.59 17.17 0.21
C TYR C 141 -31.35 15.86 0.25
N GLU C 142 -30.67 14.79 -0.14
CA GLU C 142 -31.27 13.47 -0.15
C GLU C 142 -30.62 12.59 0.90
N VAL C 143 -31.45 11.91 1.66
CA VAL C 143 -30.97 11.02 2.70
C VAL C 143 -30.97 9.59 2.18
N LYS C 144 -29.88 8.87 2.44
CA LYS C 144 -29.75 7.47 2.02
C LYS C 144 -29.38 6.66 3.26
N GLY C 145 -29.85 5.42 3.35
CA GLY C 145 -29.46 4.58 4.46
C GLY C 145 -28.11 4.03 4.02
N HIS C 146 -27.25 3.69 4.99
CA HIS C 146 -25.93 3.15 4.69
C HIS C 146 -26.06 1.88 3.84
N ARG C 147 -27.01 1.01 4.18
CA ARG C 147 -27.20 -0.22 3.40
C ARG C 147 -27.63 0.02 1.95
N ASP C 148 -28.00 1.26 1.61
CA ASP C 148 -28.41 1.55 0.25
C ASP C 148 -27.25 1.89 -0.66
N VAL C 149 -26.08 2.14 -0.08
CA VAL C 149 -24.90 2.50 -0.87
C VAL C 149 -23.75 1.55 -0.63
N GLN C 150 -23.88 0.70 0.38
CA GLN C 150 -22.86 -0.27 0.71
C GLN C 150 -23.52 -1.48 1.29
N PRO C 151 -22.91 -2.65 1.10
CA PRO C 151 -23.48 -3.87 1.65
C PRO C 151 -23.20 -3.92 3.15
N THR C 152 -24.27 -3.80 3.95
CA THR C 152 -24.12 -3.82 5.38
C THR C 152 -25.50 -3.79 6.01
N LEU C 153 -25.57 -4.14 7.29
CA LEU C 153 -26.83 -4.13 8.03
C LEU C 153 -27.10 -2.70 8.49
N SER C 154 -26.03 -1.89 8.56
CA SER C 154 -26.12 -0.50 8.98
C SER C 154 -27.15 0.22 8.13
N PRO C 155 -27.95 1.13 8.73
CA PRO C 155 -27.95 1.52 10.14
C PRO C 155 -28.79 0.66 11.11
N GLY C 156 -28.99 -0.62 10.78
CA GLY C 156 -29.79 -1.48 11.63
C GLY C 156 -31.23 -1.47 11.16
N ASP C 157 -31.90 -2.61 11.26
CA ASP C 157 -33.29 -2.78 10.82
C ASP C 157 -34.28 -1.73 11.30
N ARG C 158 -34.37 -1.51 12.61
CA ARG C 158 -35.33 -0.56 13.14
C ARG C 158 -35.06 0.89 12.76
N LEU C 159 -33.78 1.29 12.76
CA LEU C 159 -33.44 2.66 12.39
C LEU C 159 -33.63 2.88 10.90
N TYR C 160 -33.33 1.86 10.12
CA TYR C 160 -33.48 1.96 8.67
C TYR C 160 -34.96 2.16 8.34
N GLU C 161 -35.80 1.47 9.09
CA GLU C 161 -37.24 1.53 8.90
C GLU C 161 -37.70 2.98 9.15
N ILE C 162 -37.11 3.59 10.17
CA ILE C 162 -37.46 4.97 10.50
C ILE C 162 -37.01 5.98 9.47
N ILE C 163 -35.76 5.92 9.01
CA ILE C 163 -35.30 6.91 8.04
C ILE C 163 -35.98 6.79 6.67
N GLN C 164 -36.53 5.62 6.36
CA GLN C 164 -37.20 5.47 5.06
C GLN C 164 -38.46 6.33 4.99
N THR C 165 -38.98 6.73 6.14
CA THR C 165 -40.17 7.55 6.17
C THR C 165 -39.87 9.05 6.07
N TRP C 166 -38.61 9.41 6.28
CA TRP C 166 -38.20 10.82 6.26
C TRP C 166 -38.47 11.55 4.96
N SER C 167 -38.83 12.83 5.10
CA SER C 167 -39.13 13.70 3.97
C SER C 167 -38.04 13.75 2.91
N HIS C 168 -36.78 13.76 3.34
CA HIS C 168 -35.67 13.84 2.41
C HIS C 168 -35.11 12.51 1.94
N TYR C 169 -35.66 11.40 2.43
CA TYR C 169 -35.19 10.08 2.02
C TYR C 169 -35.45 9.86 0.53
N ARG C 170 -34.50 9.24 -0.16
CA ARG C 170 -34.61 8.96 -1.60
C ARG C 170 -34.13 7.54 -1.92
N ALA C 171 -34.99 6.77 -2.59
CA ALA C 171 -34.72 5.37 -2.98
C ALA C 171 -33.29 4.90 -2.83
N GLU D 1 1.91 -32.88 -9.19
CA GLU D 1 2.61 -33.46 -10.38
C GLU D 1 1.89 -33.12 -11.69
N ASP D 2 0.62 -32.74 -11.59
CA ASP D 2 -0.17 -32.30 -12.75
C ASP D 2 -0.92 -30.98 -12.50
N PRO D 3 -1.26 -30.23 -13.58
CA PRO D 3 -1.84 -28.88 -13.53
C PRO D 3 -2.96 -28.56 -12.52
N PRO D 4 -4.18 -29.14 -12.68
CA PRO D 4 -5.31 -28.65 -11.89
C PRO D 4 -5.39 -29.30 -10.51
N ALA D 5 -4.38 -29.05 -9.69
CA ALA D 5 -4.22 -29.77 -8.43
C ALA D 5 -4.92 -29.13 -7.22
N CYS D 6 -6.05 -28.45 -7.43
CA CYS D 6 -6.72 -27.79 -6.30
C CYS D 6 -8.24 -27.59 -6.33
N GLY D 7 -8.80 -27.41 -5.13
CA GLY D 7 -10.23 -27.25 -4.81
C GLY D 7 -11.34 -27.08 -5.83
N SER D 8 -12.53 -27.56 -5.44
CA SER D 8 -13.73 -27.46 -6.26
C SER D 8 -14.57 -26.23 -5.92
N ILE D 9 -15.05 -25.55 -6.94
CA ILE D 9 -15.86 -24.35 -6.85
C ILE D 9 -17.12 -24.45 -7.72
N VAL D 10 -18.22 -23.89 -7.23
CA VAL D 10 -19.45 -23.86 -8.00
C VAL D 10 -19.30 -22.68 -8.93
N PRO D 11 -19.27 -22.93 -10.25
CA PRO D 11 -19.12 -21.88 -11.25
C PRO D 11 -20.30 -20.90 -11.34
N ARG D 12 -20.05 -19.71 -11.88
CA ARG D 12 -21.08 -18.67 -12.02
C ARG D 12 -22.36 -19.18 -12.69
N ARG D 13 -22.20 -19.88 -13.81
CA ARG D 13 -23.32 -20.44 -14.53
C ARG D 13 -24.13 -21.37 -13.64
N GLU D 14 -23.45 -22.19 -12.84
CA GLU D 14 -24.16 -23.14 -12.00
C GLU D 14 -25.08 -22.53 -10.95
N TRP D 15 -24.72 -21.40 -10.37
CA TRP D 15 -25.63 -20.81 -9.40
C TRP D 15 -26.46 -19.70 -10.05
N ARG D 16 -26.49 -19.71 -11.37
CA ARG D 16 -27.24 -18.76 -12.19
C ARG D 16 -26.98 -17.30 -11.86
N ALA D 17 -25.72 -16.89 -11.97
CA ALA D 17 -25.33 -15.51 -11.69
C ALA D 17 -25.56 -14.62 -12.90
N LEU D 18 -25.85 -13.35 -12.64
CA LEU D 18 -26.03 -12.39 -13.70
C LEU D 18 -24.62 -12.19 -14.24
N ALA D 19 -24.49 -11.85 -15.51
CA ALA D 19 -23.17 -11.64 -16.08
C ALA D 19 -22.48 -10.42 -15.50
N SER D 20 -21.19 -10.58 -15.17
CA SER D 20 -20.41 -9.50 -14.59
C SER D 20 -20.07 -8.46 -15.64
N GLU D 21 -19.91 -7.22 -15.21
CA GLU D 21 -19.54 -6.14 -16.11
C GLU D 21 -18.20 -5.56 -15.66
N CYS D 22 -17.68 -6.10 -14.57
CA CYS D 22 -16.41 -5.62 -14.03
C CYS D 22 -15.26 -5.97 -14.96
N ARG D 23 -14.31 -5.04 -15.14
CA ARG D 23 -13.17 -5.33 -16.00
C ARG D 23 -11.83 -5.06 -15.32
N GLU D 24 -11.83 -4.28 -14.23
CA GLU D 24 -10.57 -4.00 -13.54
C GLU D 24 -9.98 -5.28 -12.96
N ARG D 25 -8.70 -5.51 -13.22
CA ARG D 25 -8.00 -6.72 -12.77
C ARG D 25 -7.09 -6.56 -11.57
N LEU D 26 -6.81 -7.69 -10.91
CA LEU D 26 -5.91 -7.71 -9.77
C LEU D 26 -4.57 -8.18 -10.30
N THR D 27 -3.49 -7.83 -9.64
CA THR D 27 -2.17 -8.26 -10.09
C THR D 27 -1.75 -9.50 -9.31
N ARG D 28 -1.65 -10.63 -9.98
CA ARG D 28 -1.24 -11.84 -9.28
C ARG D 28 0.28 -11.90 -9.31
N PRO D 29 0.90 -12.51 -8.27
CA PRO D 29 0.21 -13.13 -7.13
C PRO D 29 -0.27 -12.11 -6.08
N VAL D 30 -1.47 -12.34 -5.55
CA VAL D 30 -2.09 -11.48 -4.55
C VAL D 30 -1.57 -11.80 -3.16
N ARG D 31 -1.30 -10.77 -2.37
CA ARG D 31 -0.74 -10.96 -1.02
C ARG D 31 -1.74 -11.05 0.12
N TYR D 32 -2.90 -10.40 -0.01
CA TYR D 32 -3.87 -10.39 1.07
C TYR D 32 -5.23 -11.04 0.81
N VAL D 33 -5.80 -11.60 1.86
CA VAL D 33 -7.10 -12.23 1.79
C VAL D 33 -7.91 -11.62 2.92
N VAL D 34 -9.09 -11.07 2.61
CA VAL D 34 -9.93 -10.48 3.65
C VAL D 34 -11.19 -11.32 3.84
N VAL D 35 -11.36 -11.85 5.05
CA VAL D 35 -12.49 -12.70 5.38
C VAL D 35 -13.65 -11.91 5.97
N SER D 36 -14.81 -12.00 5.35
CA SER D 36 -16.01 -11.31 5.83
C SER D 36 -17.17 -12.28 5.89
N HIS D 37 -18.31 -11.79 6.37
CA HIS D 37 -19.52 -12.62 6.37
C HIS D 37 -20.58 -11.71 5.76
N THR D 38 -21.55 -12.31 5.07
CA THR D 38 -22.61 -11.53 4.42
C THR D 38 -23.53 -10.90 5.46
N ALA D 39 -23.42 -11.36 6.70
CA ALA D 39 -24.21 -10.86 7.82
C ALA D 39 -25.71 -11.19 7.73
N GLY D 40 -26.07 -12.00 6.74
CA GLY D 40 -27.47 -12.38 6.58
C GLY D 40 -27.76 -13.80 7.01
N SER D 41 -28.70 -14.44 6.33
CA SER D 41 -29.06 -15.81 6.66
C SER D 41 -28.07 -16.80 6.04
N HIS D 42 -27.89 -17.93 6.71
CA HIS D 42 -26.99 -18.95 6.20
C HIS D 42 -27.78 -19.98 5.39
N CYS D 43 -27.06 -20.85 4.70
CA CYS D 43 -27.70 -21.87 3.87
C CYS D 43 -26.93 -23.15 4.14
N ASP D 44 -27.53 -24.31 3.92
CA ASP D 44 -26.80 -25.54 4.20
C ASP D 44 -27.04 -26.68 3.22
N THR D 45 -27.40 -26.31 2.00
CA THR D 45 -27.64 -27.26 0.93
C THR D 45 -27.29 -26.57 -0.38
N PRO D 46 -26.81 -27.36 -1.35
CA PRO D 46 -26.45 -26.82 -2.66
C PRO D 46 -27.59 -25.99 -3.21
N ALA D 47 -28.79 -26.44 -2.85
CA ALA D 47 -30.01 -25.79 -3.30
C ALA D 47 -30.19 -24.41 -2.68
N SER D 48 -30.16 -24.35 -1.35
CA SER D 48 -30.32 -23.08 -0.66
C SER D 48 -29.13 -22.15 -0.86
N CYS D 49 -27.90 -22.68 -0.85
CA CYS D 49 -26.75 -21.80 -1.03
C CYS D 49 -26.66 -21.15 -2.40
N ALA D 50 -27.06 -21.87 -3.44
CA ALA D 50 -27.00 -21.31 -4.78
C ALA D 50 -27.97 -20.13 -4.86
N GLN D 51 -29.09 -20.31 -4.18
CA GLN D 51 -30.15 -19.32 -4.12
C GLN D 51 -29.63 -18.13 -3.32
N GLN D 52 -28.88 -18.41 -2.26
CA GLN D 52 -28.36 -17.34 -1.43
C GLN D 52 -27.34 -16.52 -2.18
N ALA D 53 -26.55 -17.17 -3.02
CA ALA D 53 -25.51 -16.47 -3.79
C ALA D 53 -26.16 -15.55 -4.80
N GLN D 54 -27.31 -15.98 -5.31
CA GLN D 54 -28.05 -15.21 -6.30
C GLN D 54 -28.63 -13.95 -5.63
N ASN D 55 -29.09 -14.08 -4.39
CA ASN D 55 -29.66 -12.96 -3.65
C ASN D 55 -28.59 -11.94 -3.26
N VAL D 56 -27.42 -12.41 -2.82
CA VAL D 56 -26.35 -11.51 -2.47
C VAL D 56 -25.97 -10.72 -3.71
N GLN D 57 -25.79 -11.41 -4.84
CA GLN D 57 -25.42 -10.71 -6.06
C GLN D 57 -26.48 -9.71 -6.51
N SER D 58 -27.74 -10.10 -6.37
CA SER D 58 -28.84 -9.25 -6.78
C SER D 58 -28.78 -7.93 -6.03
N TYR D 59 -28.64 -8.03 -4.70
CA TYR D 59 -28.52 -6.84 -3.86
C TYR D 59 -27.37 -5.95 -4.32
N HIS D 60 -26.20 -6.54 -4.58
CA HIS D 60 -25.06 -5.72 -5.00
C HIS D 60 -25.23 -5.12 -6.39
N VAL D 61 -25.84 -5.88 -7.29
CA VAL D 61 -26.02 -5.41 -8.67
C VAL D 61 -27.29 -4.58 -8.86
N ARG D 62 -28.41 -5.07 -8.34
CA ARG D 62 -29.69 -4.36 -8.48
C ARG D 62 -29.75 -3.09 -7.62
N ASN D 63 -29.56 -3.27 -6.30
CA ASN D 63 -29.65 -2.18 -5.33
C ASN D 63 -28.46 -1.24 -5.19
N LEU D 64 -27.25 -1.79 -5.11
CA LEU D 64 -26.07 -0.94 -4.97
C LEU D 64 -25.54 -0.47 -6.32
N GLY D 65 -26.03 -1.09 -7.39
CA GLY D 65 -25.61 -0.71 -8.74
C GLY D 65 -24.18 -1.09 -9.12
N TRP D 66 -23.68 -2.18 -8.54
CA TRP D 66 -22.32 -2.65 -8.82
C TRP D 66 -22.24 -3.55 -10.06
N CYS D 67 -21.07 -3.62 -10.66
CA CYS D 67 -20.85 -4.42 -11.85
C CYS D 67 -21.00 -5.93 -11.61
N ASP D 68 -20.89 -6.37 -10.38
CA ASP D 68 -21.04 -7.78 -10.06
C ASP D 68 -21.08 -7.93 -8.54
N VAL D 69 -21.36 -9.12 -8.06
CA VAL D 69 -21.37 -9.33 -6.62
C VAL D 69 -19.98 -8.87 -6.15
N GLY D 70 -19.92 -8.12 -5.05
CA GLY D 70 -18.64 -7.63 -4.58
C GLY D 70 -17.54 -8.63 -4.23
N TYR D 71 -17.92 -9.80 -3.71
CA TYR D 71 -16.91 -10.76 -3.28
C TYR D 71 -16.26 -11.57 -4.39
N ASN D 72 -15.00 -11.94 -4.18
CA ASN D 72 -14.27 -12.74 -5.15
C ASN D 72 -14.80 -14.18 -5.03
N PHE D 73 -15.13 -14.60 -3.81
CA PHE D 73 -15.66 -15.94 -3.56
C PHE D 73 -16.60 -15.92 -2.37
N LEU D 74 -17.59 -16.81 -2.37
CA LEU D 74 -18.52 -16.89 -1.26
C LEU D 74 -18.45 -18.32 -0.74
N ILE D 75 -18.55 -18.50 0.57
CA ILE D 75 -18.49 -19.83 1.18
C ILE D 75 -19.87 -20.16 1.79
N GLY D 76 -20.50 -21.23 1.30
CA GLY D 76 -21.80 -21.60 1.84
C GLY D 76 -21.64 -22.65 2.91
N GLU D 77 -22.65 -22.82 3.77
CA GLU D 77 -22.55 -23.82 4.83
C GLU D 77 -22.84 -25.22 4.28
N ASP D 78 -23.10 -25.28 2.98
CA ASP D 78 -23.30 -26.55 2.28
C ASP D 78 -21.90 -27.15 2.06
N GLY D 79 -20.87 -26.38 2.41
CA GLY D 79 -19.50 -26.85 2.29
C GLY D 79 -18.91 -26.64 0.91
N LEU D 80 -19.59 -25.83 0.13
CA LEU D 80 -19.16 -25.52 -1.22
C LEU D 80 -18.77 -24.05 -1.28
N VAL D 81 -17.86 -23.73 -2.22
CA VAL D 81 -17.39 -22.37 -2.47
C VAL D 81 -18.11 -21.91 -3.73
N TYR D 82 -18.53 -20.65 -3.74
CA TYR D 82 -19.25 -20.08 -4.88
C TYR D 82 -18.42 -19.02 -5.57
N GLU D 83 -18.25 -19.17 -6.88
CA GLU D 83 -17.44 -18.25 -7.64
C GLU D 83 -18.03 -16.85 -7.71
N GLY D 84 -17.26 -15.88 -7.20
CA GLY D 84 -17.67 -14.49 -7.24
C GLY D 84 -16.93 -13.85 -8.39
N ARG D 85 -16.25 -12.73 -8.14
CA ARG D 85 -15.51 -12.09 -9.22
C ARG D 85 -14.28 -12.88 -9.61
N GLY D 86 -13.90 -13.88 -8.80
CA GLY D 86 -12.75 -14.71 -9.12
C GLY D 86 -11.39 -14.25 -8.61
N TRP D 87 -10.34 -14.95 -9.02
CA TRP D 87 -8.96 -14.67 -8.64
C TRP D 87 -8.33 -13.49 -9.37
N ASN D 88 -8.88 -13.14 -10.52
CA ASN D 88 -8.28 -12.08 -11.34
C ASN D 88 -8.99 -10.74 -11.45
N ILE D 89 -10.20 -10.63 -10.93
CA ILE D 89 -10.94 -9.38 -11.01
C ILE D 89 -11.03 -8.63 -9.68
N LYS D 90 -10.79 -7.32 -9.70
CA LYS D 90 -10.86 -6.53 -8.46
C LYS D 90 -12.25 -6.59 -7.84
N GLY D 91 -12.33 -6.87 -6.55
CA GLY D 91 -13.61 -6.94 -5.88
C GLY D 91 -14.00 -5.64 -5.20
N ALA D 92 -15.18 -5.65 -4.58
CA ALA D 92 -15.71 -4.52 -3.84
C ALA D 92 -16.17 -5.11 -2.51
N HIS D 93 -15.25 -5.26 -1.57
CA HIS D 93 -15.58 -5.86 -0.29
C HIS D 93 -14.81 -5.31 0.90
N ALA D 94 -13.78 -4.51 0.67
CA ALA D 94 -13.03 -3.95 1.81
C ALA D 94 -12.54 -2.51 1.66
N GLY D 95 -13.06 -1.77 0.69
CA GLY D 95 -12.64 -0.40 0.50
C GLY D 95 -11.60 -0.24 -0.57
N PRO D 96 -11.37 1.01 -1.04
CA PRO D 96 -10.41 1.40 -2.08
C PRO D 96 -8.95 1.04 -1.78
N THR D 97 -8.63 0.85 -0.51
CA THR D 97 -7.25 0.50 -0.13
C THR D 97 -6.97 -1.01 -0.27
N TRP D 98 -7.90 -1.84 0.19
CA TRP D 98 -7.71 -3.28 0.13
C TRP D 98 -8.34 -4.00 -1.07
N ASN D 99 -9.28 -3.37 -1.76
CA ASN D 99 -9.89 -4.03 -2.91
C ASN D 99 -8.87 -4.34 -4.02
N PRO D 100 -8.06 -3.35 -4.42
CA PRO D 100 -7.08 -3.61 -5.47
C PRO D 100 -5.89 -4.48 -5.10
N ILE D 101 -5.79 -4.93 -3.85
CA ILE D 101 -4.66 -5.76 -3.44
C ILE D 101 -5.03 -7.04 -2.66
N SER D 102 -6.30 -7.45 -2.67
CA SER D 102 -6.67 -8.63 -1.92
C SER D 102 -7.74 -9.47 -2.58
N ILE D 103 -8.01 -10.61 -1.95
CA ILE D 103 -9.05 -11.51 -2.41
C ILE D 103 -10.09 -11.50 -1.30
N GLY D 104 -11.32 -11.12 -1.61
CA GLY D 104 -12.35 -11.08 -0.59
C GLY D 104 -13.23 -12.32 -0.60
N ILE D 105 -13.16 -13.13 0.45
CA ILE D 105 -14.02 -14.30 0.53
C ILE D 105 -15.01 -13.99 1.63
N SER D 106 -16.28 -14.26 1.38
CA SER D 106 -17.31 -13.98 2.38
C SER D 106 -18.09 -15.24 2.75
N PHE D 107 -18.21 -15.51 4.05
CA PHE D 107 -18.97 -16.67 4.52
C PHE D 107 -20.46 -16.27 4.55
N MET D 108 -21.31 -17.03 3.86
CA MET D 108 -22.73 -16.70 3.81
C MET D 108 -23.51 -16.96 5.09
N GLY D 109 -23.82 -15.87 5.79
CA GLY D 109 -24.56 -15.95 7.04
C GLY D 109 -24.04 -14.87 7.99
N ASN D 110 -24.45 -14.93 9.25
CA ASN D 110 -24.03 -13.98 10.26
C ASN D 110 -23.38 -14.79 11.37
N TYR D 111 -22.11 -14.53 11.67
CA TYR D 111 -21.40 -15.31 12.67
C TYR D 111 -20.99 -14.56 13.95
N MET D 112 -21.87 -13.68 14.41
CA MET D 112 -21.63 -12.93 15.65
C MET D 112 -21.72 -13.84 16.86
N ASN D 113 -22.73 -14.69 16.88
CA ASN D 113 -22.92 -15.58 18.01
C ASN D 113 -22.99 -17.05 17.56
N ARG D 114 -22.51 -17.31 16.34
CA ARG D 114 -22.53 -18.66 15.77
C ARG D 114 -21.29 -18.91 14.91
N VAL D 115 -20.72 -20.11 14.98
CA VAL D 115 -19.55 -20.43 14.16
C VAL D 115 -19.99 -21.27 12.96
N PRO D 116 -19.28 -21.13 11.83
CA PRO D 116 -19.62 -21.89 10.62
C PRO D 116 -19.31 -23.36 10.85
N PRO D 117 -20.00 -24.26 10.13
CA PRO D 117 -19.76 -25.70 10.29
C PRO D 117 -18.35 -26.06 9.82
N PRO D 118 -17.77 -27.15 10.37
CA PRO D 118 -16.42 -27.56 9.97
C PRO D 118 -16.25 -27.58 8.45
N ARG D 119 -17.23 -28.11 7.73
CA ARG D 119 -17.14 -28.20 6.26
C ARG D 119 -17.03 -26.85 5.57
N ALA D 120 -17.53 -25.79 6.20
CA ALA D 120 -17.43 -24.48 5.57
C ALA D 120 -16.01 -23.99 5.77
N LEU D 121 -15.48 -24.21 6.98
CA LEU D 121 -14.12 -23.81 7.29
C LEU D 121 -13.13 -24.56 6.41
N ARG D 122 -13.41 -25.84 6.14
CA ARG D 122 -12.52 -26.61 5.28
C ARG D 122 -12.56 -26.07 3.86
N ALA D 123 -13.75 -25.72 3.39
CA ALA D 123 -13.86 -25.21 2.02
C ALA D 123 -13.07 -23.94 1.82
N ALA D 124 -13.15 -23.05 2.80
CA ALA D 124 -12.43 -21.78 2.67
C ALA D 124 -10.94 -22.02 2.75
N GLN D 125 -10.49 -22.84 3.68
CA GLN D 125 -9.06 -23.08 3.80
C GLN D 125 -8.51 -23.89 2.66
N ASN D 126 -9.38 -24.65 2.00
CA ASN D 126 -8.99 -25.47 0.86
C ASN D 126 -8.84 -24.54 -0.35
N LEU D 127 -9.70 -23.52 -0.41
CA LEU D 127 -9.71 -22.54 -1.49
C LEU D 127 -8.44 -21.69 -1.48
N LEU D 128 -8.01 -21.29 -0.29
CA LEU D 128 -6.81 -20.47 -0.18
C LEU D 128 -5.62 -21.30 -0.62
N ALA D 129 -5.51 -22.54 -0.21
CA ALA D 129 -4.43 -23.44 -0.64
C ALA D 129 -4.47 -23.64 -2.16
N CYS D 130 -5.68 -23.58 -2.72
CA CYS D 130 -5.89 -23.64 -4.16
C CYS D 130 -5.35 -22.39 -4.85
N GLY D 131 -5.56 -21.23 -4.22
CA GLY D 131 -5.06 -19.95 -4.72
C GLY D 131 -3.54 -19.87 -4.75
N VAL D 132 -2.90 -20.52 -3.78
CA VAL D 132 -1.44 -20.57 -3.72
C VAL D 132 -0.88 -21.49 -4.80
N ALA D 133 -1.49 -22.68 -4.93
CA ALA D 133 -1.04 -23.65 -5.93
C ALA D 133 -1.17 -23.12 -7.33
N LEU D 134 -2.18 -22.27 -7.56
CA LEU D 134 -2.43 -21.70 -8.88
C LEU D 134 -1.56 -20.49 -9.15
N GLY D 135 -0.98 -19.93 -8.11
CA GLY D 135 -0.17 -18.75 -8.28
C GLY D 135 -1.02 -17.49 -8.18
N ALA D 136 -2.30 -17.65 -7.82
CA ALA D 136 -3.20 -16.51 -7.67
C ALA D 136 -2.89 -15.75 -6.39
N LEU D 137 -2.47 -16.47 -5.37
CA LEU D 137 -2.14 -15.88 -4.08
C LEU D 137 -0.68 -16.16 -3.77
N ARG D 138 -0.03 -15.28 -3.01
CA ARG D 138 1.36 -15.52 -2.63
C ARG D 138 1.42 -16.67 -1.63
N SER D 139 2.54 -17.38 -1.63
CA SER D 139 2.73 -18.51 -0.73
C SER D 139 2.70 -18.02 0.72
N ASN D 140 3.07 -16.76 0.91
CA ASN D 140 3.08 -16.15 2.24
C ASN D 140 2.00 -15.07 2.31
N TYR D 141 0.82 -15.37 1.76
CA TYR D 141 -0.28 -14.41 1.78
C TYR D 141 -0.72 -14.16 3.22
N GLU D 142 -1.46 -13.08 3.42
CA GLU D 142 -1.93 -12.71 4.76
C GLU D 142 -3.43 -12.60 4.86
N VAL D 143 -3.99 -13.20 5.90
CA VAL D 143 -5.42 -13.18 6.12
C VAL D 143 -5.80 -12.10 7.14
N LYS D 144 -6.77 -11.26 6.77
CA LYS D 144 -7.28 -10.22 7.66
C LYS D 144 -8.77 -10.45 7.84
N GLY D 145 -9.31 -9.95 8.94
CA GLY D 145 -10.74 -10.03 9.14
C GLY D 145 -11.23 -8.71 8.53
N HIS D 146 -12.46 -8.66 8.06
CA HIS D 146 -13.02 -7.45 7.46
C HIS D 146 -12.90 -6.27 8.47
N ARG D 147 -13.17 -6.54 9.74
CA ARG D 147 -13.11 -5.51 10.80
C ARG D 147 -11.69 -5.03 11.12
N ASP D 148 -10.69 -5.67 10.53
CA ASP D 148 -9.29 -5.28 10.74
C ASP D 148 -8.91 -4.21 9.74
N VAL D 149 -9.69 -4.09 8.68
CA VAL D 149 -9.41 -3.11 7.62
C VAL D 149 -10.56 -2.16 7.36
N GLN D 150 -11.72 -2.43 7.93
CA GLN D 150 -12.87 -1.57 7.73
C GLN D 150 -13.67 -1.58 9.00
N PRO D 151 -14.40 -0.51 9.27
CA PRO D 151 -15.21 -0.49 10.49
C PRO D 151 -16.51 -1.27 10.19
N THR D 152 -16.65 -2.41 10.87
CA THR D 152 -17.77 -3.30 10.68
C THR D 152 -17.58 -4.42 11.69
N LEU D 153 -18.64 -5.16 11.97
CA LEU D 153 -18.54 -6.27 12.92
C LEU D 153 -18.14 -7.52 12.14
N SER D 154 -18.22 -7.43 10.82
CA SER D 154 -17.84 -8.54 9.95
C SER D 154 -16.37 -8.90 10.23
N PRO D 155 -16.02 -10.21 10.19
CA PRO D 155 -16.85 -11.39 9.88
C PRO D 155 -17.65 -12.04 11.01
N GLY D 156 -17.86 -11.33 12.11
CA GLY D 156 -18.59 -11.90 13.22
C GLY D 156 -17.64 -12.36 14.31
N ASP D 157 -17.96 -12.06 15.56
CA ASP D 157 -17.12 -12.43 16.69
C ASP D 157 -16.60 -13.86 16.66
N ARG D 158 -17.51 -14.81 16.47
CA ARG D 158 -17.11 -16.21 16.49
C ARG D 158 -16.18 -16.58 15.35
N LEU D 159 -16.52 -16.13 14.15
CA LEU D 159 -15.68 -16.41 12.99
C LEU D 159 -14.37 -15.63 13.05
N TYR D 160 -14.43 -14.37 13.49
CA TYR D 160 -13.23 -13.55 13.59
C TYR D 160 -12.27 -14.27 14.54
N GLU D 161 -12.83 -14.88 15.59
CA GLU D 161 -12.03 -15.59 16.59
C GLU D 161 -11.34 -16.78 15.94
N ILE D 162 -12.05 -17.42 15.02
CA ILE D 162 -11.51 -18.58 14.33
C ILE D 162 -10.37 -18.22 13.41
N ILE D 163 -10.56 -17.24 12.54
CA ILE D 163 -9.48 -16.91 11.61
C ILE D 163 -8.20 -16.39 12.27
N GLN D 164 -8.34 -15.86 13.49
CA GLN D 164 -7.17 -15.34 14.20
C GLN D 164 -6.16 -16.42 14.50
N THR D 165 -6.63 -17.67 14.52
CA THR D 165 -5.75 -18.80 14.81
C THR D 165 -5.13 -19.34 13.54
N TRP D 166 -5.64 -18.92 12.39
CA TRP D 166 -5.14 -19.38 11.09
C TRP D 166 -3.67 -19.08 10.83
N SER D 167 -3.01 -20.03 10.19
CA SER D 167 -1.59 -19.96 9.82
C SER D 167 -1.18 -18.64 9.15
N HIS D 168 -2.01 -18.15 8.22
CA HIS D 168 -1.70 -16.94 7.51
C HIS D 168 -2.30 -15.67 8.09
N TYR D 169 -2.94 -15.77 9.25
CA TYR D 169 -3.53 -14.58 9.83
C TYR D 169 -2.47 -13.63 10.34
N ARG D 170 -2.65 -12.35 10.04
CA ARG D 170 -1.72 -11.31 10.47
C ARG D 170 -2.55 -10.02 10.57
N ALA D 171 -2.87 -9.62 11.80
CA ALA D 171 -3.69 -8.43 12.06
C ALA D 171 -2.97 -7.14 11.71
#